data_7DSU
#
_entry.id   7DSU
#
_cell.length_a   95.296
_cell.length_b   100.875
_cell.length_c   187.316
_cell.angle_alpha   90.00
_cell.angle_beta   90.00
_cell.angle_gamma   90.00
#
_symmetry.space_group_name_H-M   'P 21 21 21'
#
loop_
_entity.id
_entity.type
_entity.pdbx_description
1 polymer Mbo45V
2 non-polymer SINEFUNGIN
3 non-polymer 1,2-ETHANEDIOL
4 water water
#
_entity_poly.entity_id   1
_entity_poly.type   'polypeptide(L)'
_entity_poly.pdbx_seq_one_letter_code
;(MSE)AHHHHHH(MSE)NTIKQDYIEKANALSLSNELNQDQKDLILSIIDKFEDNDPALHNVYQL(MSE)IKRVKLGFVF
DIAPSVNASEIALFKKDEKLSFNNDNNKPTNTLIIGENYDALKNLIVIESQSETVNYDVIYIDPPYNTESSLSDGNNLSE
KDDVGSSKFIYRGKFSRTGWLN(MSE)LNERLR(MSE)AKQLLKEDGVIFVSIDDSEQAYLKVL(MSE)DEIFGEENFIA
CVPAILNPSGRQVNTEIALTHEYILIYGGVNFVPEELDNEYVINKLPEIYKNRNLETLVDNKGEYWLQYTLENQSKKFND
KNRPNLAYPIFINKDENHNLYHTIEPTEKTIYTLWPKNVNGVQYVWRWSREKINKEKEELVIK(MSE)DNDKFKIYPKKR
KNTWIFKTIIKGSSFNNKTGNKVLSSILKSDEFSTAKPVELIKLLIKLHPNNNARILDFYAGSGTTGHAV(MSE)ELNKE
DGGNRCYTLVTNNENNIATNVCYERLYRINNGIYTNNESNFDWIKKNKPYKSNLNVYDIEYFSTKLFDDNQSN(MSE)SI
KEQYIK(MSE)LQDFNIDTEDKDSNIDILRSLTSLKPISKEDTDAIK
;
_entity_poly.pdbx_strand_id   A,B
#
loop_
_chem_comp.id
_chem_comp.type
_chem_comp.name
_chem_comp.formula
EDO non-polymer 1,2-ETHANEDIOL 'C2 H6 O2'
SFG non-polymer SINEFUNGIN 'C15 H23 N7 O5'
#
# COMPACT_ATOMS: atom_id res chain seq x y z
N ILE A 12 -38.93 -30.57 -3.64
CA ILE A 12 -39.48 -29.85 -4.79
C ILE A 12 -38.97 -28.39 -4.85
N LYS A 13 -38.65 -27.82 -3.67
CA LYS A 13 -38.13 -26.46 -3.64
C LYS A 13 -36.95 -26.30 -4.58
N GLN A 14 -36.29 -27.40 -4.96
CA GLN A 14 -35.15 -27.29 -5.86
C GLN A 14 -35.57 -26.69 -7.19
N ASP A 15 -36.77 -27.04 -7.67
CA ASP A 15 -37.24 -26.58 -8.97
C ASP A 15 -37.33 -25.07 -9.01
N TYR A 16 -37.90 -24.47 -7.96
CA TYR A 16 -37.99 -23.01 -7.87
C TYR A 16 -36.60 -22.38 -7.80
N ILE A 17 -35.70 -22.97 -7.00
CA ILE A 17 -34.36 -22.43 -6.89
C ILE A 17 -33.63 -22.53 -8.22
N GLU A 18 -33.76 -23.68 -8.90
CA GLU A 18 -33.12 -23.83 -10.20
C GLU A 18 -33.65 -22.80 -11.20
N LYS A 19 -34.96 -22.53 -11.17
CA LYS A 19 -35.54 -21.57 -12.10
C LYS A 19 -34.93 -20.18 -11.90
N ALA A 20 -34.79 -19.75 -10.65
CA ALA A 20 -34.21 -18.45 -10.36
C ALA A 20 -32.76 -18.37 -10.85
N ASN A 21 -31.99 -19.44 -10.66
CA ASN A 21 -30.61 -19.48 -11.14
C ASN A 21 -30.57 -19.30 -12.66
N ALA A 22 -31.41 -20.05 -13.38
CA ALA A 22 -31.40 -20.00 -14.84
C ALA A 22 -31.91 -18.67 -15.37
N LEU A 23 -32.61 -17.89 -14.55
CA LEU A 23 -33.26 -16.68 -15.05
C LEU A 23 -32.23 -15.58 -15.31
N SER A 24 -31.29 -15.38 -14.40
CA SER A 24 -30.30 -14.32 -14.50
C SER A 24 -28.95 -14.83 -14.05
N LEU A 25 -27.89 -14.23 -14.62
CA LEU A 25 -26.49 -14.58 -14.41
C LEU A 25 -25.65 -13.31 -14.29
N SER A 26 -25.43 -12.62 -15.41
CA SER A 26 -24.84 -11.28 -15.40
C SER A 26 -23.42 -11.27 -14.80
N ASN A 27 -22.86 -10.06 -14.66
CA ASN A 27 -21.45 -9.88 -14.31
C ASN A 27 -21.10 -10.52 -12.96
N GLU A 28 -21.88 -10.19 -11.91
CA GLU A 28 -21.56 -10.63 -10.56
C GLU A 28 -21.45 -12.15 -10.43
N LEU A 29 -21.95 -12.91 -11.41
CA LEU A 29 -21.88 -14.36 -11.38
C LEU A 29 -21.08 -14.89 -12.58
N ASN A 30 -20.21 -15.87 -12.30
CA ASN A 30 -19.49 -16.57 -13.34
C ASN A 30 -20.26 -17.82 -13.76
N GLN A 31 -20.30 -18.08 -15.07
CA GLN A 31 -20.95 -19.28 -15.56
C GLN A 31 -20.59 -20.49 -14.71
N ASP A 32 -19.32 -20.58 -14.30
CA ASP A 32 -18.93 -21.62 -13.36
C ASP A 32 -19.50 -21.35 -11.97
N GLN A 33 -19.57 -20.08 -11.58
CA GLN A 33 -20.19 -19.73 -10.31
C GLN A 33 -21.65 -20.18 -10.28
N LYS A 34 -22.38 -19.91 -11.37
CA LYS A 34 -23.75 -20.41 -11.45
C LYS A 34 -23.76 -21.93 -11.39
N ASP A 35 -22.81 -22.58 -12.05
CA ASP A 35 -22.75 -24.03 -12.00
C ASP A 35 -22.48 -24.52 -10.59
N LEU A 36 -21.62 -23.82 -9.85
CA LEU A 36 -21.36 -24.21 -8.47
C LEU A 36 -22.54 -23.90 -7.56
N ILE A 37 -23.33 -22.85 -7.87
CA ILE A 37 -24.48 -22.55 -7.04
C ILE A 37 -25.56 -23.61 -7.22
N LEU A 38 -25.74 -24.08 -8.45
CA LEU A 38 -26.72 -25.14 -8.71
C LEU A 38 -26.16 -26.52 -8.34
N SER A 39 -24.87 -26.76 -8.58
CA SER A 39 -24.28 -28.06 -8.22
C SER A 39 -24.14 -28.21 -6.71
N ILE A 40 -23.82 -27.14 -6.00
CA ILE A 40 -23.68 -27.19 -4.55
C ILE A 40 -25.06 -27.19 -3.87
N TYR A 55 -30.43 -21.28 0.90
CA TYR A 55 -29.54 -20.91 -0.20
C TYR A 55 -29.19 -19.43 -0.13
N GLN A 56 -29.66 -18.76 0.91
CA GLN A 56 -29.42 -17.33 1.05
C GLN A 56 -27.92 -17.03 1.06
N LEU A 57 -27.12 -17.91 1.68
CA LEU A 57 -25.67 -17.70 1.71
C LEU A 57 -25.07 -17.77 0.31
N MSE A 58 -25.56 -18.67 -0.52
CA MSE A 58 -25.08 -18.77 -1.88
C MSE A 58 -25.46 -17.56 -2.73
O MSE A 58 -24.72 -17.16 -3.62
CB MSE A 58 -25.63 -20.04 -2.53
CG MSE A 58 -25.25 -21.29 -1.78
SE MSE A 58 -23.88 -22.33 -2.69
CE MSE A 58 -24.99 -23.77 -3.38
N ILE A 59 -26.63 -16.98 -2.44
CA ILE A 59 -27.06 -15.82 -3.20
C ILE A 59 -26.52 -14.51 -2.66
N LYS A 60 -25.76 -14.54 -1.56
CA LYS A 60 -25.25 -13.30 -0.99
C LYS A 60 -24.23 -12.65 -1.91
N ARG A 61 -24.28 -11.33 -1.97
CA ARG A 61 -23.40 -10.56 -2.85
C ARG A 61 -22.12 -10.19 -2.11
N VAL A 62 -21.01 -10.17 -2.84
CA VAL A 62 -19.69 -9.94 -2.28
C VAL A 62 -19.17 -8.60 -2.77
N LYS A 63 -18.90 -7.69 -1.83
CA LYS A 63 -18.33 -6.39 -2.16
C LYS A 63 -16.82 -6.45 -2.03
N LEU A 64 -16.13 -5.70 -2.88
CA LEU A 64 -14.67 -5.67 -2.86
C LEU A 64 -14.21 -4.66 -1.81
N GLY A 65 -13.65 -5.17 -0.72
CA GLY A 65 -13.18 -4.31 0.34
C GLY A 65 -13.19 -5.06 1.66
N PHE A 66 -13.28 -4.30 2.74
CA PHE A 66 -13.19 -4.81 4.09
C PHE A 66 -14.57 -5.08 4.67
N VAL A 67 -14.69 -6.20 5.38
CA VAL A 67 -15.87 -6.51 6.19
C VAL A 67 -15.47 -6.39 7.65
N PHE A 68 -16.28 -5.68 8.42
CA PHE A 68 -15.94 -5.34 9.80
C PHE A 68 -16.91 -6.00 10.76
N ASP A 69 -16.38 -6.39 11.92
CA ASP A 69 -17.22 -6.84 13.02
C ASP A 69 -18.07 -5.68 13.54
N ILE A 70 -19.12 -6.00 14.26
CA ILE A 70 -19.96 -4.96 14.85
C ILE A 70 -19.12 -4.09 15.76
N ALA A 71 -19.17 -2.78 15.54
CA ALA A 71 -18.39 -1.85 16.34
C ALA A 71 -19.06 -1.61 17.69
N PRO A 72 -18.34 -1.03 18.65
CA PRO A 72 -18.94 -0.77 19.98
C PRO A 72 -20.16 0.12 19.87
N SER A 73 -21.28 -0.38 20.40
CA SER A 73 -22.53 0.37 20.37
C SER A 73 -22.41 1.66 21.17
N VAL A 74 -23.05 2.71 20.68
CA VAL A 74 -23.08 3.97 21.39
C VAL A 74 -24.04 3.89 22.57
N ASN A 75 -23.76 4.67 23.62
CA ASN A 75 -24.57 4.67 24.83
C ASN A 75 -25.84 5.47 24.59
N ALA A 76 -26.98 4.78 24.55
CA ALA A 76 -28.27 5.45 24.38
C ALA A 76 -28.71 6.19 25.63
N SER A 77 -28.07 5.93 26.78
CA SER A 77 -28.46 6.50 28.06
C SER A 77 -27.45 7.53 28.56
N GLU A 78 -26.78 8.21 27.66
CA GLU A 78 -25.70 9.12 28.04
C GLU A 78 -25.46 10.08 26.89
N ILE A 79 -24.94 11.26 27.21
CA ILE A 79 -24.54 12.22 26.19
C ILE A 79 -23.21 12.86 26.61
N ALA A 80 -22.55 13.46 25.63
CA ALA A 80 -21.30 14.17 25.84
C ALA A 80 -21.45 15.62 25.39
N LEU A 81 -20.87 16.53 26.17
CA LEU A 81 -20.87 17.96 25.85
C LEU A 81 -19.51 18.54 26.21
N PHE A 82 -19.16 19.64 25.53
CA PHE A 82 -17.94 20.36 25.86
C PHE A 82 -18.17 21.28 27.04
N LYS A 83 -17.09 21.54 27.78
CA LYS A 83 -17.13 22.50 28.90
C LYS A 83 -15.78 23.20 28.94
N LYS A 84 -15.74 24.47 28.56
CA LYS A 84 -14.48 25.20 28.50
C LYS A 84 -13.83 25.28 29.87
N ASP A 85 -12.52 25.04 29.91
CA ASP A 85 -11.73 25.27 31.12
C ASP A 85 -11.24 26.70 31.06
N GLU A 86 -11.92 27.59 31.79
CA GLU A 86 -11.60 29.01 31.73
C GLU A 86 -10.19 29.30 32.21
N LYS A 87 -9.72 28.57 33.25
CA LYS A 87 -8.36 28.83 33.75
C LYS A 87 -7.32 28.44 32.71
N LEU A 88 -7.54 27.35 31.97
CA LEU A 88 -6.49 26.85 31.09
C LEU A 88 -6.47 27.63 29.77
N SER A 89 -7.62 27.77 29.11
CA SER A 89 -7.66 28.55 27.88
C SER A 89 -7.23 29.99 28.15
N PHE A 90 -6.56 30.58 27.18
CA PHE A 90 -6.00 31.91 27.33
C PHE A 90 -6.15 32.68 26.02
N ASN A 91 -6.12 34.00 26.12
CA ASN A 91 -6.22 34.87 24.96
C ASN A 91 -5.16 35.95 25.07
N ASN A 92 -4.42 36.16 23.99
CA ASN A 92 -3.32 37.13 23.97
C ASN A 92 -3.52 38.25 22.96
N ASP A 93 -4.21 37.98 21.85
CA ASP A 93 -4.33 38.96 20.76
C ASP A 93 -5.63 38.74 20.01
N ASN A 94 -6.52 39.74 20.05
CA ASN A 94 -7.80 39.62 19.37
C ASN A 94 -7.65 39.63 17.85
N ASN A 95 -6.51 40.06 17.33
CA ASN A 95 -6.32 40.07 15.89
C ASN A 95 -5.83 38.73 15.36
N LYS A 96 -5.17 37.93 16.20
CA LYS A 96 -4.74 36.61 15.78
C LYS A 96 -5.92 35.64 15.78
N PRO A 97 -5.82 34.55 15.02
CA PRO A 97 -6.93 33.61 14.93
C PRO A 97 -7.21 32.93 16.27
N THR A 98 -8.43 32.44 16.41
CA THR A 98 -8.83 31.70 17.61
C THR A 98 -8.71 30.20 17.37
N ASN A 99 -8.04 29.52 18.30
CA ASN A 99 -7.74 28.09 18.17
C ASN A 99 -8.37 27.34 19.33
N THR A 100 -8.44 26.01 19.18
CA THR A 100 -9.19 25.16 20.08
C THR A 100 -8.40 23.90 20.43
N LEU A 101 -8.45 23.52 21.70
CA LEU A 101 -7.91 22.25 22.18
C LEU A 101 -8.98 21.51 22.99
N ILE A 102 -9.28 20.29 22.57
CA ILE A 102 -10.28 19.45 23.21
C ILE A 102 -9.59 18.24 23.84
N ILE A 103 -10.02 17.88 25.04
CA ILE A 103 -9.37 16.84 25.83
C ILE A 103 -10.38 15.72 26.08
N GLY A 104 -10.10 14.54 25.56
CA GLY A 104 -10.94 13.39 25.80
C GLY A 104 -11.00 12.49 24.58
N GLU A 105 -12.02 11.62 24.57
CA GLU A 105 -12.21 10.67 23.50
C GLU A 105 -12.58 11.41 22.21
N ASN A 106 -11.79 11.22 21.16
CA ASN A 106 -12.05 11.92 19.92
C ASN A 106 -13.37 11.48 19.29
N TYR A 107 -13.85 10.29 19.59
CA TYR A 107 -15.16 9.89 19.09
C TYR A 107 -16.25 10.80 19.63
N ASP A 108 -16.25 11.03 20.95
CA ASP A 108 -17.21 11.97 21.52
C ASP A 108 -16.92 13.39 21.08
N ALA A 109 -15.65 13.73 20.91
CA ALA A 109 -15.28 15.05 20.42
C ALA A 109 -15.79 15.27 18.99
N LEU A 110 -15.67 14.26 18.14
CA LEU A 110 -16.12 14.39 16.75
C LEU A 110 -17.62 14.52 16.67
N LYS A 111 -18.35 13.82 17.55
CA LYS A 111 -19.80 13.92 17.54
C LYS A 111 -20.25 15.35 17.84
N ASN A 112 -19.59 15.99 18.81
CA ASN A 112 -19.88 17.39 19.10
C ASN A 112 -19.50 18.28 17.93
N LEU A 113 -18.28 18.11 17.40
CA LEU A 113 -17.83 18.96 16.30
C LEU A 113 -18.81 18.94 15.14
N ILE A 114 -19.46 17.80 14.90
CA ILE A 114 -20.44 17.75 13.82
C ILE A 114 -21.67 18.56 14.18
N VAL A 115 -22.09 18.50 15.44
CA VAL A 115 -23.20 19.33 15.88
C VAL A 115 -22.82 20.80 15.85
N ILE A 116 -21.56 21.11 16.16
CA ILE A 116 -21.12 22.51 16.15
C ILE A 116 -21.14 23.05 14.73
N GLU A 117 -20.60 22.29 13.78
CA GLU A 117 -20.58 22.76 12.40
C GLU A 117 -21.98 22.88 11.82
N SER A 118 -22.89 21.96 12.18
CA SER A 118 -24.24 22.03 11.63
C SER A 118 -24.91 23.35 11.98
N GLN A 119 -24.67 23.85 13.18
CA GLN A 119 -25.18 25.12 13.67
C GLN A 119 -24.28 26.30 13.34
N SER A 120 -23.11 26.04 12.74
CA SER A 120 -22.17 27.09 12.40
C SER A 120 -22.55 27.74 11.07
N GLU A 121 -22.21 29.02 10.93
CA GLU A 121 -22.55 29.76 9.73
C GLU A 121 -21.74 29.26 8.53
N THR A 122 -20.43 29.16 8.67
CA THR A 122 -19.56 28.57 7.67
C THR A 122 -19.07 27.22 8.19
N VAL A 123 -19.36 26.15 7.45
CA VAL A 123 -19.31 24.78 7.96
C VAL A 123 -18.04 24.07 7.51
N ASN A 124 -17.42 23.34 8.45
CA ASN A 124 -16.46 22.25 8.19
C ASN A 124 -15.05 22.72 7.86
N TYR A 125 -14.10 21.81 7.91
CA TYR A 125 -12.68 22.14 7.93
C TYR A 125 -12.04 21.96 6.57
N ASP A 126 -11.05 22.82 6.28
CA ASP A 126 -10.33 22.76 5.01
C ASP A 126 -9.24 21.69 5.02
N VAL A 127 -8.66 21.40 6.18
CA VAL A 127 -7.54 20.48 6.28
C VAL A 127 -7.71 19.62 7.51
N ILE A 128 -7.62 18.31 7.33
CA ILE A 128 -7.55 17.34 8.42
C ILE A 128 -6.21 16.63 8.33
N TYR A 129 -5.44 16.68 9.41
CA TYR A 129 -4.24 15.87 9.57
C TYR A 129 -4.40 15.00 10.80
N ILE A 130 -4.04 13.73 10.68
CA ILE A 130 -4.06 12.84 11.82
C ILE A 130 -2.93 11.83 11.69
N ASP A 131 -2.39 11.43 12.84
CA ASP A 131 -1.30 10.47 12.95
C ASP A 131 -1.75 9.44 13.98
N PRO A 132 -2.67 8.55 13.60
CA PRO A 132 -3.25 7.62 14.57
C PRO A 132 -2.24 6.59 15.03
N PRO A 133 -2.57 5.84 16.10
CA PRO A 133 -1.60 4.88 16.63
C PRO A 133 -1.61 3.57 15.85
N TYR A 134 -0.41 3.01 15.70
CA TYR A 134 -0.26 1.83 14.85
C TYR A 134 -0.70 0.55 15.55
N ASN A 135 -0.51 0.47 16.86
CA ASN A 135 -0.94 -0.71 17.61
C ASN A 135 -0.19 -1.95 17.13
N TYR A 159 -3.20 -9.34 21.35
CA TYR A 159 -3.26 -9.10 19.91
C TYR A 159 -4.45 -8.23 19.50
N ARG A 160 -4.32 -7.55 18.35
CA ARG A 160 -5.38 -6.71 17.79
C ARG A 160 -5.99 -7.42 16.58
N GLY A 161 -7.19 -7.97 16.77
CA GLY A 161 -7.96 -8.43 15.64
C GLY A 161 -8.59 -7.29 14.87
N LYS A 162 -7.85 -6.67 13.96
CA LYS A 162 -8.42 -5.64 13.10
C LYS A 162 -9.71 -6.14 12.48
N PHE A 163 -10.61 -5.22 12.17
CA PHE A 163 -11.95 -5.55 11.73
C PHE A 163 -12.83 -5.93 12.92
N SER A 164 -12.25 -6.22 14.09
CA SER A 164 -13.05 -6.56 15.26
C SER A 164 -13.58 -5.28 15.88
N ARG A 165 -14.23 -5.42 17.03
CA ARG A 165 -14.85 -4.29 17.70
C ARG A 165 -13.81 -3.24 18.07
N THR A 166 -12.85 -3.62 18.92
CA THR A 166 -11.79 -2.74 19.37
C THR A 166 -10.55 -2.86 18.52
N GLY A 167 -10.68 -3.37 17.29
CA GLY A 167 -9.52 -3.54 16.43
C GLY A 167 -9.05 -2.23 15.84
N TRP A 168 -7.72 -2.09 15.71
CA TRP A 168 -7.14 -0.83 15.29
C TRP A 168 -7.86 -0.25 14.06
N LEU A 169 -8.20 -1.09 13.09
CA LEU A 169 -8.77 -0.58 11.84
C LEU A 169 -10.25 -0.26 11.98
N ASN A 170 -10.98 -1.01 12.80
CA ASN A 170 -12.40 -0.73 12.99
C ASN A 170 -12.61 0.67 13.57
N MSE A 171 -11.90 0.99 14.63
CA MSE A 171 -12.02 2.29 15.29
C MSE A 171 -11.68 3.43 14.36
O MSE A 171 -12.27 4.50 14.41
CB MSE A 171 -11.13 2.33 16.53
CG MSE A 171 -11.12 1.03 17.31
SE MSE A 171 -10.05 1.17 18.92
CE MSE A 171 -11.27 2.26 20.00
N LEU A 172 -10.69 3.18 13.49
CA LEU A 172 -10.33 4.18 12.49
C LEU A 172 -11.41 4.30 11.42
N ASN A 173 -12.09 3.21 11.12
CA ASN A 173 -13.23 3.26 10.22
C ASN A 173 -14.33 4.15 10.78
N GLU A 174 -14.72 3.90 12.03
CA GLU A 174 -15.75 4.72 12.66
C GLU A 174 -15.37 6.20 12.64
N ARG A 175 -14.17 6.52 13.12
CA ARG A 175 -13.76 7.93 13.24
C ARG A 175 -13.51 8.57 11.88
N LEU A 176 -13.02 7.80 10.91
CA LEU A 176 -12.75 8.38 9.59
C LEU A 176 -14.04 8.80 8.88
N ARG A 177 -15.09 8.01 9.02
CA ARG A 177 -16.37 8.39 8.43
C ARG A 177 -16.88 9.71 9.01
N MSE A 178 -16.65 9.94 10.30
CA MSE A 178 -17.09 11.20 10.93
C MSE A 178 -16.24 12.35 10.45
O MSE A 178 -16.74 13.44 10.17
CB MSE A 178 -17.02 11.14 12.46
CG MSE A 178 -17.48 9.85 13.09
SE MSE A 178 -17.96 10.11 14.97
CE MSE A 178 -19.72 10.88 14.73
N ALA A 179 -14.92 12.10 10.38
CA ALA A 179 -14.02 13.10 9.79
C ALA A 179 -14.41 13.38 8.34
N LYS A 180 -14.89 12.35 7.63
CA LYS A 180 -15.45 12.60 6.30
C LYS A 180 -16.58 13.60 6.38
N GLN A 181 -17.41 13.50 7.41
CA GLN A 181 -18.48 14.47 7.60
C GLN A 181 -17.96 15.86 7.95
N LEU A 182 -16.74 15.96 8.48
CA LEU A 182 -16.21 17.22 8.97
C LEU A 182 -15.28 17.91 7.97
N LEU A 183 -15.24 17.45 6.73
CA LEU A 183 -14.31 17.97 5.73
C LEU A 183 -15.08 18.67 4.61
N LYS A 184 -14.57 19.81 4.16
CA LYS A 184 -15.27 20.59 3.15
C LYS A 184 -15.11 19.96 1.77
N GLU A 185 -15.92 20.42 0.83
CA GLU A 185 -15.81 19.91 -0.54
C GLU A 185 -14.40 20.08 -1.06
N ASP A 186 -13.89 21.30 -1.06
CA ASP A 186 -12.53 21.61 -1.52
C ASP A 186 -11.54 21.57 -0.35
N GLY A 187 -11.49 20.42 0.31
CA GLY A 187 -10.60 20.24 1.45
C GLY A 187 -9.74 19.00 1.27
N VAL A 188 -8.86 18.80 2.24
CA VAL A 188 -7.97 17.64 2.23
C VAL A 188 -7.98 16.95 3.57
N ILE A 189 -7.52 15.71 3.55
CA ILE A 189 -7.26 14.94 4.75
C ILE A 189 -5.92 14.24 4.56
N PHE A 190 -5.03 14.42 5.54
CA PHE A 190 -3.73 13.76 5.54
C PHE A 190 -3.71 12.75 6.68
N VAL A 191 -3.21 11.54 6.39
CA VAL A 191 -2.97 10.55 7.44
C VAL A 191 -1.54 10.05 7.30
N SER A 192 -0.80 10.10 8.41
CA SER A 192 0.49 9.42 8.51
C SER A 192 0.27 8.00 8.99
N ILE A 193 0.96 7.06 8.34
CA ILE A 193 0.77 5.65 8.60
C ILE A 193 2.06 4.94 8.27
N ASP A 194 2.26 3.74 8.84
CA ASP A 194 3.56 3.12 8.77
C ASP A 194 3.68 2.19 7.56
N ASP A 195 4.87 1.62 7.40
CA ASP A 195 5.15 0.78 6.25
C ASP A 195 4.19 -0.40 6.18
N SER A 196 3.84 -0.99 7.32
CA SER A 196 3.08 -2.23 7.32
C SER A 196 1.59 -1.98 7.16
N GLU A 197 1.04 -1.03 7.93
CA GLU A 197 -0.39 -0.81 7.97
C GLU A 197 -0.87 0.18 6.92
N GLN A 198 0.04 0.72 6.10
CA GLN A 198 -0.36 1.72 5.12
C GLN A 198 -1.38 1.17 4.14
N ALA A 199 -1.19 -0.08 3.69
CA ALA A 199 -2.05 -0.64 2.65
C ALA A 199 -3.50 -0.78 3.12
N TYR A 200 -3.70 -1.26 4.35
CA TYR A 200 -5.06 -1.48 4.84
C TYR A 200 -5.81 -0.16 5.00
N LEU A 201 -5.10 0.88 5.44
CA LEU A 201 -5.73 2.19 5.56
C LEU A 201 -6.08 2.77 4.19
N LYS A 202 -5.19 2.59 3.21
CA LYS A 202 -5.41 3.15 1.87
C LYS A 202 -6.67 2.58 1.24
N VAL A 203 -6.84 1.27 1.27
CA VAL A 203 -8.05 0.68 0.69
C VAL A 203 -9.27 1.04 1.52
N LEU A 204 -9.09 1.34 2.81
CA LEU A 204 -10.21 1.79 3.63
C LEU A 204 -10.61 3.22 3.25
N MSE A 205 -9.64 4.12 3.18
CA MSE A 205 -9.91 5.48 2.74
C MSE A 205 -10.39 5.48 1.28
O MSE A 205 -11.05 6.41 0.84
CB MSE A 205 -8.67 6.34 2.91
CG MSE A 205 -8.19 6.37 4.35
SE MSE A 205 -6.80 7.71 4.67
CE MSE A 205 -7.77 9.28 4.07
N ASP A 206 -10.07 4.42 0.52
CA ASP A 206 -10.69 4.24 -0.78
C ASP A 206 -12.20 4.05 -0.65
N GLU A 207 -12.63 3.25 0.34
CA GLU A 207 -14.06 3.04 0.55
C GLU A 207 -14.74 4.30 1.05
N ILE A 208 -14.11 4.99 2.01
CA ILE A 208 -14.78 6.07 2.73
C ILE A 208 -14.78 7.36 1.92
N PHE A 209 -13.63 7.73 1.37
CA PHE A 209 -13.54 8.94 0.56
C PHE A 209 -13.57 8.66 -0.94
N GLY A 210 -13.46 7.40 -1.35
CA GLY A 210 -13.52 7.06 -2.75
C GLY A 210 -12.17 7.06 -3.44
N GLU A 211 -11.89 6.03 -4.22
CA GLU A 211 -10.61 5.97 -4.93
C GLU A 211 -10.50 7.09 -5.96
N GLU A 212 -11.62 7.59 -6.46
CA GLU A 212 -11.61 8.73 -7.37
C GLU A 212 -10.84 9.91 -6.78
N ASN A 213 -10.86 10.04 -5.45
CA ASN A 213 -10.31 11.20 -4.75
C ASN A 213 -8.94 10.93 -4.15
N PHE A 214 -8.39 9.74 -4.32
CA PHE A 214 -7.02 9.48 -3.90
C PHE A 214 -6.07 10.41 -4.64
N ILE A 215 -5.28 11.16 -3.90
CA ILE A 215 -4.35 12.14 -4.48
C ILE A 215 -2.92 11.60 -4.54
N ALA A 216 -2.37 11.19 -3.41
CA ALA A 216 -1.05 10.59 -3.44
C ALA A 216 -0.84 9.74 -2.20
N CYS A 217 0.15 8.86 -2.28
CA CYS A 217 0.65 8.14 -1.12
C CYS A 217 2.13 8.50 -1.01
N VAL A 218 2.41 9.60 -0.34
CA VAL A 218 3.75 10.19 -0.35
C VAL A 218 4.66 9.40 0.60
N PRO A 219 5.81 8.92 0.14
CA PRO A 219 6.82 8.37 1.05
C PRO A 219 7.58 9.51 1.73
N ALA A 220 7.53 9.55 3.06
CA ALA A 220 8.30 10.51 3.83
C ALA A 220 9.53 9.81 4.40
N ILE A 221 10.71 10.26 3.98
CA ILE A 221 11.97 9.65 4.45
C ILE A 221 12.30 10.34 5.77
N LEU A 222 11.55 9.95 6.81
CA LEU A 222 11.65 10.61 8.11
C LEU A 222 12.70 9.99 9.02
N ASN A 223 13.26 8.83 8.66
CA ASN A 223 14.43 8.27 9.35
C ASN A 223 15.51 8.02 8.30
N PRO A 224 16.30 9.05 7.96
CA PRO A 224 17.31 8.86 6.90
C PRO A 224 18.21 7.67 7.14
N SER A 225 18.69 7.49 8.37
CA SER A 225 19.40 6.28 8.77
C SER A 225 18.38 5.32 9.38
N GLY A 226 18.33 4.10 8.87
CA GLY A 226 17.25 3.19 9.21
C GLY A 226 17.30 2.70 10.64
N ARG A 227 16.17 2.14 11.07
CA ARG A 227 16.03 1.48 12.37
C ARG A 227 15.32 0.16 12.18
N GLN A 228 15.87 -0.92 12.75
CA GLN A 228 15.36 -2.27 12.51
C GLN A 228 14.18 -2.56 13.43
N VAL A 229 13.02 -2.83 12.84
CA VAL A 229 11.83 -3.26 13.58
C VAL A 229 11.19 -4.40 12.80
N ASN A 230 10.88 -5.49 13.50
CA ASN A 230 10.13 -6.60 12.92
C ASN A 230 11.00 -7.48 12.01
N THR A 231 12.06 -6.91 11.44
CA THR A 231 12.91 -7.67 10.53
C THR A 231 14.27 -7.01 10.46
N GLU A 232 15.24 -7.77 9.92
CA GLU A 232 16.61 -7.29 9.79
C GLU A 232 16.68 -6.45 8.51
N ILE A 233 16.32 -5.18 8.65
CA ILE A 233 16.26 -4.25 7.53
C ILE A 233 16.20 -2.85 8.11
N ALA A 234 16.73 -1.87 7.36
CA ALA A 234 16.77 -0.49 7.82
C ALA A 234 15.53 0.25 7.31
N LEU A 235 14.46 0.22 8.11
CA LEU A 235 13.25 0.96 7.77
C LEU A 235 13.53 2.45 7.88
N THR A 236 13.35 3.18 6.77
CA THR A 236 13.69 4.59 6.69
C THR A 236 12.52 5.49 6.36
N HIS A 237 11.36 4.96 6.00
CA HIS A 237 10.30 5.78 5.44
C HIS A 237 8.99 5.59 6.19
N GLU A 238 8.13 6.57 6.02
CA GLU A 238 6.72 6.52 6.40
C GLU A 238 5.89 6.84 5.18
N TYR A 239 4.58 6.71 5.30
CA TYR A 239 3.69 7.11 4.23
C TYR A 239 2.75 8.20 4.71
N ILE A 240 2.40 9.10 3.79
CA ILE A 240 1.34 10.08 3.98
C ILE A 240 0.28 9.82 2.90
N LEU A 241 -0.94 9.53 3.34
CA LEU A 241 -2.04 9.27 2.43
C LEU A 241 -2.87 10.54 2.27
N ILE A 242 -2.89 11.06 1.05
CA ILE A 242 -3.60 12.31 0.73
C ILE A 242 -4.89 11.97 0.01
N TYR A 243 -6.01 12.35 0.62
CA TYR A 243 -7.31 12.31 -0.02
C TYR A 243 -7.93 13.70 0.03
N GLY A 244 -8.71 14.02 -1.00
CA GLY A 244 -9.43 15.27 -1.01
C GLY A 244 -10.83 15.14 -1.60
N GLY A 245 -11.79 15.89 -1.08
CA GLY A 245 -13.08 15.94 -1.71
C GLY A 245 -13.02 16.63 -3.06
N VAL A 246 -14.07 16.43 -3.84
CA VAL A 246 -14.19 17.03 -5.17
C VAL A 246 -13.88 18.52 -5.08
N ASN A 247 -13.42 19.11 -6.16
CA ASN A 247 -13.20 20.55 -6.22
C ASN A 247 -11.95 20.98 -5.48
N PHE A 248 -11.15 20.04 -4.97
CA PHE A 248 -9.89 20.37 -4.33
C PHE A 248 -8.74 20.16 -5.30
N VAL A 249 -7.92 21.17 -5.48
CA VAL A 249 -6.70 21.07 -6.28
C VAL A 249 -5.52 21.49 -5.41
N PRO A 250 -4.48 20.68 -5.32
CA PRO A 250 -3.34 21.04 -4.47
C PRO A 250 -2.65 22.30 -4.97
N GLU A 251 -2.22 23.13 -4.02
CA GLU A 251 -1.54 24.38 -4.35
C GLU A 251 -0.08 24.10 -4.70
N GLU A 252 0.46 24.87 -5.65
CA GLU A 252 1.87 24.70 -5.97
C GLU A 252 2.73 25.32 -4.86
N LEU A 253 3.99 24.91 -4.81
CA LEU A 253 4.89 25.28 -3.73
C LEU A 253 5.83 26.40 -4.17
N ASP A 254 6.17 27.27 -3.21
CA ASP A 254 7.04 28.39 -3.51
C ASP A 254 8.47 27.91 -3.72
N ASN A 255 9.12 28.43 -4.77
CA ASN A 255 10.50 28.06 -5.05
C ASN A 255 11.39 28.26 -3.83
N GLU A 256 11.32 29.45 -3.22
CA GLU A 256 12.19 29.76 -2.08
C GLU A 256 12.02 28.72 -0.97
N TYR A 257 10.79 28.44 -0.59
CA TYR A 257 10.54 27.44 0.45
C TYR A 257 11.00 26.06 0.00
N VAL A 258 10.65 25.70 -1.23
CA VAL A 258 10.99 24.37 -1.72
C VAL A 258 12.50 24.16 -1.77
N ILE A 259 13.26 25.23 -2.00
CA ILE A 259 14.71 25.10 -2.14
C ILE A 259 15.37 24.87 -0.79
N ASN A 260 15.02 25.68 0.21
CA ASN A 260 15.63 25.55 1.53
C ASN A 260 15.20 24.26 2.21
N LYS A 261 13.89 23.98 2.21
CA LYS A 261 13.35 22.90 3.02
C LYS A 261 13.55 21.54 2.36
N LEU A 262 13.52 21.47 1.04
CA LEU A 262 13.65 20.22 0.30
C LEU A 262 14.65 20.37 -0.83
N PRO A 263 15.92 20.62 -0.50
CA PRO A 263 16.89 20.87 -1.57
C PRO A 263 17.18 19.64 -2.41
N GLU A 264 17.17 18.45 -1.78
CA GLU A 264 17.48 17.24 -2.51
C GLU A 264 16.42 16.92 -3.55
N ILE A 265 15.16 17.27 -3.27
CA ILE A 265 14.07 16.77 -4.10
C ILE A 265 13.74 17.71 -5.25
N TYR A 266 13.95 19.01 -5.08
CA TYR A 266 13.61 19.99 -6.11
C TYR A 266 14.87 20.54 -6.76
N LYS A 267 15.58 19.63 -7.43
CA LYS A 267 16.75 19.99 -8.20
C LYS A 267 16.31 20.79 -9.43
N ASN A 268 17.29 21.36 -10.12
CA ASN A 268 17.01 22.14 -11.33
C ASN A 268 16.64 21.22 -12.50
N PRO A 369 9.52 32.60 -14.83
CA PRO A 369 8.19 32.01 -14.69
C PRO A 369 7.22 32.38 -15.82
N LYS A 370 6.62 31.38 -16.47
CA LYS A 370 5.56 31.64 -17.43
C LYS A 370 4.42 32.40 -16.76
N LYS A 371 3.96 31.91 -15.60
CA LYS A 371 2.92 32.57 -14.83
C LYS A 371 3.53 33.74 -14.03
N ARG A 372 2.93 34.06 -12.88
CA ARG A 372 3.36 35.23 -12.13
C ARG A 372 4.42 34.89 -11.08
N LYS A 373 4.35 33.71 -10.47
CA LYS A 373 5.24 33.35 -9.39
C LYS A 373 5.90 31.99 -9.65
N ASN A 374 7.07 31.82 -9.03
CA ASN A 374 7.82 30.58 -9.12
C ASN A 374 7.11 29.49 -8.33
N THR A 375 6.67 28.43 -9.03
CA THR A 375 5.88 27.38 -8.41
C THR A 375 6.43 26.02 -8.82
N TRP A 376 6.52 25.11 -7.85
CA TRP A 376 6.85 23.72 -8.07
C TRP A 376 5.62 22.87 -7.78
N ILE A 377 5.29 21.96 -8.69
CA ILE A 377 4.22 21.01 -8.40
C ILE A 377 4.74 19.97 -7.41
N PHE A 378 3.88 19.60 -6.48
CA PHE A 378 4.33 18.82 -5.33
C PHE A 378 4.82 17.45 -5.76
N LYS A 379 6.10 17.15 -5.48
CA LYS A 379 6.66 15.83 -5.76
C LYS A 379 6.33 14.87 -4.63
N THR A 380 5.93 13.65 -4.97
CA THR A 380 5.49 12.65 -3.99
C THR A 380 6.69 11.99 -3.33
N ILE A 381 7.53 12.81 -2.72
CA ILE A 381 8.66 12.34 -1.94
C ILE A 381 9.08 13.46 -1.01
N ILE A 382 9.35 13.11 0.25
CA ILE A 382 9.67 14.09 1.29
C ILE A 382 10.98 13.63 1.91
N LYS A 383 12.09 14.08 1.35
CA LYS A 383 13.40 13.88 1.95
C LYS A 383 13.92 15.27 2.28
N GLY A 384 14.15 15.52 3.56
CA GLY A 384 14.69 16.80 3.99
C GLY A 384 15.46 16.62 5.27
N SER A 385 16.36 17.56 5.52
CA SER A 385 17.06 17.59 6.80
C SER A 385 16.09 17.93 7.93
N SER A 386 15.13 18.81 7.66
CA SER A 386 14.18 19.26 8.66
C SER A 386 12.97 18.35 8.79
N PHE A 387 12.92 17.27 8.02
CA PHE A 387 11.82 16.30 8.06
C PHE A 387 12.21 15.04 8.81
N ASN A 388 13.16 15.14 9.72
CA ASN A 388 13.57 14.01 10.55
C ASN A 388 12.59 13.81 11.69
N ASN A 389 12.39 12.55 12.08
CA ASN A 389 11.54 12.29 13.24
C ASN A 389 12.24 12.72 14.52
N LYS A 390 13.57 12.54 14.60
CA LYS A 390 14.31 13.07 15.74
C LYS A 390 14.20 14.58 15.80
N THR A 391 14.12 15.24 14.65
CA THR A 391 13.99 16.70 14.64
C THR A 391 12.73 17.15 15.35
N GLY A 392 11.59 16.56 14.99
CA GLY A 392 10.36 16.90 15.69
C GLY A 392 10.40 16.58 17.18
N ASN A 393 11.15 15.54 17.55
CA ASN A 393 11.23 15.16 18.95
C ASN A 393 12.11 16.13 19.74
N LYS A 394 13.20 16.58 19.14
CA LYS A 394 14.06 17.55 19.82
C LYS A 394 13.34 18.88 19.99
N VAL A 395 12.60 19.34 18.97
CA VAL A 395 11.82 20.56 19.12
C VAL A 395 10.89 20.43 20.32
N LEU A 396 10.08 19.37 20.33
CA LEU A 396 9.13 19.17 21.43
C LEU A 396 9.82 19.16 22.79
N SER A 397 10.98 18.50 22.88
CA SER A 397 11.70 18.51 24.15
C SER A 397 12.42 19.83 24.39
N SER A 398 12.77 20.54 23.32
CA SER A 398 13.25 21.90 23.47
C SER A 398 12.24 22.77 24.22
N ILE A 399 10.96 22.58 23.95
CA ILE A 399 9.91 23.31 24.66
C ILE A 399 9.69 22.72 26.04
N LEU A 400 9.31 21.45 26.10
CA LEU A 400 8.84 20.82 27.33
C LEU A 400 9.96 20.49 28.31
N LYS A 401 11.22 20.60 27.91
CA LYS A 401 12.34 20.22 28.77
C LYS A 401 12.09 18.85 29.40
N SER A 402 11.48 17.95 28.62
CA SER A 402 11.20 16.59 29.03
C SER A 402 11.23 15.69 27.79
N ASP A 403 11.70 14.46 27.99
CA ASP A 403 11.72 13.46 26.94
C ASP A 403 10.57 12.46 27.08
N GLU A 404 9.49 12.86 27.74
CA GLU A 404 8.45 11.89 28.07
C GLU A 404 7.68 11.46 26.83
N PHE A 405 7.44 12.38 25.89
CA PHE A 405 6.76 12.06 24.65
C PHE A 405 7.80 11.76 23.58
N SER A 406 7.85 10.51 23.13
CA SER A 406 8.94 10.06 22.28
C SER A 406 8.58 10.05 20.79
N THR A 407 7.30 10.13 20.43
CA THR A 407 6.84 9.94 19.07
C THR A 407 6.20 11.24 18.56
N ALA A 408 7.00 12.31 18.48
CA ALA A 408 6.53 13.59 17.98
C ALA A 408 6.89 13.73 16.51
N LYS A 409 5.94 14.18 15.70
CA LYS A 409 6.22 14.42 14.29
C LYS A 409 6.93 15.75 14.09
N PRO A 410 7.73 15.88 13.02
CA PRO A 410 8.34 17.18 12.72
C PRO A 410 7.29 18.19 12.30
N VAL A 411 7.44 19.41 12.78
CA VAL A 411 6.46 20.43 12.39
C VAL A 411 6.64 20.81 10.93
N GLU A 412 7.86 20.69 10.40
CA GLU A 412 8.08 21.01 8.99
C GLU A 412 7.26 20.09 8.09
N LEU A 413 7.09 18.83 8.48
CA LEU A 413 6.23 17.94 7.70
C LEU A 413 4.81 18.50 7.62
N ILE A 414 4.22 18.79 8.78
CA ILE A 414 2.81 19.22 8.82
C ILE A 414 2.64 20.61 8.26
N LYS A 415 3.71 21.41 8.20
CA LYS A 415 3.66 22.68 7.47
C LYS A 415 3.52 22.42 5.97
N LEU A 416 4.35 21.53 5.42
CA LEU A 416 4.32 21.25 4.00
C LEU A 416 2.93 20.81 3.56
N LEU A 417 2.21 20.09 4.42
CA LEU A 417 0.90 19.58 4.05
C LEU A 417 -0.14 20.70 4.05
N ILE A 418 -0.29 21.42 5.16
CA ILE A 418 -1.25 22.51 5.20
C ILE A 418 -0.84 23.63 4.26
N LYS A 419 0.46 23.76 3.98
CA LYS A 419 0.91 24.66 2.92
C LYS A 419 0.49 24.18 1.54
N LEU A 420 -0.06 22.99 1.45
CA LEU A 420 -0.56 22.46 0.20
C LEU A 420 -1.99 22.91 -0.10
N HIS A 421 -2.68 23.51 0.90
CA HIS A 421 -4.06 23.94 0.68
C HIS A 421 -4.09 25.40 0.23
N PRO A 422 -4.97 25.71 -0.73
CA PRO A 422 -4.85 27.00 -1.44
C PRO A 422 -4.90 28.23 -0.54
N ASN A 423 -5.88 28.33 0.35
CA ASN A 423 -6.13 29.61 1.02
C ASN A 423 -5.31 29.74 2.29
N ASN A 424 -4.85 30.97 2.55
CA ASN A 424 -4.03 31.21 3.73
C ASN A 424 -4.84 31.07 5.02
N ASN A 425 -6.11 31.47 4.99
CA ASN A 425 -6.97 31.40 6.17
C ASN A 425 -7.70 30.08 6.12
N ALA A 426 -7.12 29.06 6.72
CA ALA A 426 -7.66 27.71 6.64
C ALA A 426 -7.88 27.15 8.02
N ARG A 427 -8.91 26.33 8.15
CA ARG A 427 -9.25 25.64 9.38
C ARG A 427 -8.65 24.25 9.36
N ILE A 428 -7.75 23.97 10.30
CA ILE A 428 -7.05 22.68 10.38
C ILE A 428 -7.61 21.91 11.56
N LEU A 429 -7.75 20.59 11.40
CA LEU A 429 -8.28 19.71 12.41
C LEU A 429 -7.36 18.51 12.56
N ASP A 430 -7.21 18.04 13.80
CA ASP A 430 -6.30 16.93 14.10
C ASP A 430 -6.83 16.28 15.37
N PHE A 431 -7.62 15.20 15.22
CA PHE A 431 -8.24 14.55 16.37
C PHE A 431 -7.41 13.39 16.91
N TYR A 432 -6.12 13.37 16.59
CA TYR A 432 -5.13 12.52 17.24
C TYR A 432 -3.92 13.40 17.54
N ALA A 433 -4.14 14.43 18.35
CA ALA A 433 -3.23 15.57 18.36
C ALA A 433 -1.91 15.29 19.07
N GLY A 434 -1.85 14.23 19.87
CA GLY A 434 -0.63 13.85 20.53
C GLY A 434 -0.02 14.97 21.35
N SER A 435 1.08 15.57 20.85
CA SER A 435 1.73 16.68 21.54
C SER A 435 1.42 18.01 20.89
N GLY A 436 0.45 18.06 19.97
CA GLY A 436 0.06 19.31 19.37
C GLY A 436 1.00 19.82 18.30
N THR A 437 1.72 18.93 17.63
CA THR A 437 2.61 19.37 16.57
C THR A 437 1.84 20.11 15.50
N THR A 438 0.60 19.70 15.25
CA THR A 438 -0.20 20.38 14.24
C THR A 438 -0.43 21.84 14.64
N GLY A 439 -0.74 22.09 15.91
CA GLY A 439 -0.94 23.45 16.37
C GLY A 439 0.32 24.29 16.23
N HIS A 440 1.48 23.73 16.60
CA HIS A 440 2.72 24.48 16.46
C HIS A 440 2.98 24.82 14.99
N ALA A 441 2.62 23.92 14.08
CA ALA A 441 2.92 24.11 12.67
C ALA A 441 2.02 25.16 12.04
N VAL A 442 0.74 25.18 12.42
CA VAL A 442 -0.15 26.21 11.88
C VAL A 442 0.37 27.60 12.24
N MSE A 443 0.73 27.81 13.49
CA MSE A 443 1.22 29.12 13.91
C MSE A 443 2.52 29.48 13.22
O MSE A 443 2.69 30.61 12.76
CB MSE A 443 1.44 29.15 15.43
CG MSE A 443 0.40 28.43 16.22
SE MSE A 443 0.21 29.24 17.97
CE MSE A 443 -1.27 30.41 17.55
N GLU A 444 3.44 28.52 13.20
CA GLU A 444 4.73 28.77 12.56
C GLU A 444 4.55 29.06 11.08
N LEU A 445 3.69 28.28 10.41
CA LEU A 445 3.37 28.58 9.03
C LEU A 445 2.76 29.97 8.89
N ASN A 446 1.92 30.36 9.84
CA ASN A 446 1.33 31.70 9.81
C ASN A 446 2.41 32.77 9.88
N LYS A 447 3.40 32.59 10.76
CA LYS A 447 4.48 33.56 10.86
C LYS A 447 5.24 33.65 9.54
N GLU A 448 5.42 32.52 8.86
CA GLU A 448 6.16 32.52 7.60
C GLU A 448 5.27 32.95 6.44
N ASP A 449 4.04 32.44 6.39
CA ASP A 449 3.15 32.69 5.26
C ASP A 449 2.45 34.04 5.36
N GLY A 450 2.19 34.52 6.57
CA GLY A 450 1.46 35.76 6.75
C GLY A 450 -0.04 35.61 6.75
N GLY A 451 -0.57 34.40 6.68
CA GLY A 451 -1.99 34.17 6.72
C GLY A 451 -2.44 33.69 8.09
N ASN A 452 -3.66 34.04 8.46
CA ASN A 452 -4.21 33.66 9.75
C ASN A 452 -4.93 32.32 9.62
N ARG A 453 -4.42 31.30 10.30
CA ARG A 453 -4.99 29.96 10.29
C ARG A 453 -5.35 29.56 11.71
N CYS A 454 -6.53 28.95 11.85
CA CYS A 454 -6.98 28.42 13.13
C CYS A 454 -6.93 26.90 13.09
N TYR A 455 -6.55 26.30 14.22
CA TYR A 455 -6.50 24.85 14.34
C TYR A 455 -7.41 24.37 15.46
N THR A 456 -7.91 23.16 15.31
CA THR A 456 -8.69 22.49 16.35
C THR A 456 -8.05 21.16 16.65
N LEU A 457 -7.68 20.94 17.90
CA LEU A 457 -6.97 19.75 18.32
C LEU A 457 -7.83 18.91 19.26
N VAL A 458 -7.65 17.60 19.19
CA VAL A 458 -8.33 16.66 20.08
C VAL A 458 -7.36 15.55 20.44
N THR A 459 -7.22 15.29 21.73
CA THR A 459 -6.37 14.22 22.19
C THR A 459 -6.82 13.86 23.60
N ASN A 460 -6.71 12.59 23.93
CA ASN A 460 -7.14 12.13 25.24
C ASN A 460 -5.98 12.17 26.22
N ASN A 461 -6.31 12.05 27.50
CA ASN A 461 -5.32 11.96 28.57
C ASN A 461 -4.99 10.50 28.87
N GLU A 462 -4.46 9.82 27.86
CA GLU A 462 -4.09 8.42 28.02
C GLU A 462 -3.04 8.26 29.12
N ASN A 463 -1.89 8.92 28.95
CA ASN A 463 -0.85 9.00 29.96
C ASN A 463 -0.66 10.45 30.41
N ASN A 464 -1.77 11.15 30.65
CA ASN A 464 -1.79 12.58 30.96
C ASN A 464 -1.20 13.41 29.84
N ILE A 465 -0.96 12.83 28.66
CA ILE A 465 -0.21 13.52 27.61
C ILE A 465 -0.93 14.81 27.21
N ALA A 466 -2.24 14.75 27.03
CA ALA A 466 -2.97 15.90 26.52
C ALA A 466 -2.86 17.10 27.46
N THR A 467 -2.75 16.85 28.77
CA THR A 467 -2.59 17.94 29.72
C THR A 467 -1.12 18.35 29.84
N ASN A 468 -0.25 17.39 30.17
CA ASN A 468 1.15 17.71 30.41
C ASN A 468 1.89 18.01 29.11
N VAL A 469 1.76 17.12 28.12
CA VAL A 469 2.55 17.25 26.90
C VAL A 469 1.92 18.25 25.93
N CYS A 470 0.65 18.06 25.58
CA CYS A 470 0.05 18.85 24.51
C CYS A 470 -0.18 20.30 24.94
N TYR A 471 -0.84 20.50 26.09
CA TYR A 471 -1.12 21.86 26.56
C TYR A 471 0.15 22.64 26.86
N GLU A 472 1.07 22.05 27.62
CA GLU A 472 2.33 22.72 27.93
C GLU A 472 3.01 23.24 26.66
N ARG A 473 3.10 22.39 25.64
CA ARG A 473 3.71 22.82 24.39
C ARG A 473 3.01 24.08 23.89
N LEU A 474 1.73 23.95 23.51
CA LEU A 474 0.99 25.10 23.03
C LEU A 474 1.09 26.28 23.99
N TYR A 475 1.05 26.01 25.30
CA TYR A 475 1.09 27.10 26.28
C TYR A 475 2.43 27.81 26.26
N ARG A 476 3.53 27.06 26.36
CA ARG A 476 4.84 27.68 26.44
C ARG A 476 5.22 28.36 25.13
N ILE A 477 4.61 27.95 24.02
CA ILE A 477 4.93 28.55 22.74
C ILE A 477 4.19 29.87 22.57
N ASN A 478 2.94 29.93 23.03
CA ASN A 478 2.18 31.17 22.96
C ASN A 478 2.67 32.18 24.00
N ASN A 479 2.87 31.72 25.25
CA ASN A 479 3.07 32.62 26.36
C ASN A 479 4.52 32.99 26.61
N GLY A 480 5.47 32.23 26.07
CA GLY A 480 6.86 32.56 26.26
C GLY A 480 7.34 32.36 27.68
N ILE A 481 6.66 31.52 28.45
CA ILE A 481 7.05 31.24 29.83
C ILE A 481 6.28 30.02 30.29
N TYR A 482 6.95 29.19 31.09
CA TYR A 482 6.28 28.01 31.62
C TYR A 482 5.04 28.42 32.41
N THR A 483 4.15 27.46 32.61
CA THR A 483 2.87 27.77 33.24
C THR A 483 3.01 28.09 34.72
N ASN A 484 4.09 27.67 35.36
CA ASN A 484 4.32 27.89 36.79
C ASN A 484 5.35 29.00 37.03
N ASN A 485 5.30 30.07 36.24
CA ASN A 485 6.14 31.25 36.46
C ASN A 485 7.62 30.89 36.36
N GLU A 486 7.97 30.27 35.23
CA GLU A 486 9.34 29.93 34.91
C GLU A 486 9.63 30.33 33.47
N SER A 487 10.92 30.42 33.13
CA SER A 487 11.33 30.90 31.82
C SER A 487 12.75 30.46 31.51
N ASN A 488 13.07 29.21 31.78
CA ASN A 488 14.43 28.71 31.60
C ASN A 488 14.52 27.54 30.64
N PHE A 489 13.47 27.26 29.87
CA PHE A 489 13.55 26.18 28.89
C PHE A 489 14.04 26.70 27.55
N ASP A 490 14.63 25.78 26.78
CA ASP A 490 15.50 26.15 25.66
C ASP A 490 14.72 26.88 24.56
N TRP A 491 13.56 26.36 24.17
CA TRP A 491 12.88 26.90 22.99
C TRP A 491 12.73 28.41 23.07
N ILE A 492 12.30 28.92 24.23
CA ILE A 492 12.00 30.33 24.35
C ILE A 492 13.26 31.18 24.45
N LYS A 493 14.41 30.58 24.78
CA LYS A 493 15.67 31.30 24.71
C LYS A 493 16.13 31.47 23.27
N LYS A 494 15.60 30.67 22.34
CA LYS A 494 16.03 30.70 20.94
C LYS A 494 15.01 31.29 19.99
N ASN A 495 13.72 31.33 20.35
CA ASN A 495 12.70 31.91 19.48
C ASN A 495 11.73 32.74 20.29
N LYS A 496 11.04 33.66 19.60
CA LYS A 496 10.09 34.55 20.23
C LYS A 496 8.75 33.84 20.45
N PRO A 497 8.01 34.23 21.50
CA PRO A 497 6.68 33.64 21.71
C PRO A 497 5.71 34.10 20.64
N TYR A 498 4.76 33.21 20.32
CA TYR A 498 3.77 33.55 19.29
C TYR A 498 2.72 34.50 19.82
N LYS A 499 2.44 34.47 21.11
CA LYS A 499 1.52 35.41 21.72
C LYS A 499 0.17 35.37 21.00
N SER A 500 -0.44 34.19 21.03
CA SER A 500 -1.70 33.92 20.36
C SER A 500 -2.68 33.28 21.34
N ASN A 501 -3.89 33.01 20.86
CA ASN A 501 -4.96 32.54 21.72
C ASN A 501 -5.11 31.02 21.63
N LEU A 502 -5.82 30.46 22.61
CA LEU A 502 -6.11 29.04 22.64
C LEU A 502 -7.20 28.79 23.68
N ASN A 503 -8.16 27.95 23.34
CA ASN A 503 -9.29 27.61 24.20
C ASN A 503 -9.26 26.12 24.49
N VAL A 504 -9.36 25.76 25.77
CA VAL A 504 -9.32 24.37 26.20
C VAL A 504 -10.72 23.95 26.64
N TYR A 505 -11.21 22.84 26.10
CA TYR A 505 -12.52 22.29 26.43
C TYR A 505 -12.36 20.86 26.94
N ASP A 506 -13.15 20.52 27.95
CA ASP A 506 -13.24 19.15 28.45
C ASP A 506 -14.54 18.54 27.99
N ILE A 507 -14.54 17.21 27.84
CA ILE A 507 -15.74 16.48 27.47
C ILE A 507 -16.34 15.88 28.74
N GLU A 508 -17.57 16.30 29.05
CA GLU A 508 -18.30 15.83 30.22
C GLU A 508 -19.44 14.93 29.78
N TYR A 509 -19.76 13.93 30.59
CA TYR A 509 -20.79 12.96 30.28
C TYR A 509 -21.90 13.06 31.32
N PHE A 510 -23.15 13.15 30.84
CA PHE A 510 -24.31 13.30 31.71
C PHE A 510 -25.30 12.20 31.40
N SER A 511 -25.59 11.35 32.39
CA SER A 511 -26.52 10.25 32.18
C SER A 511 -27.88 10.78 31.72
N THR A 512 -28.50 10.03 30.83
CA THR A 512 -29.89 10.29 30.51
C THR A 512 -30.76 10.08 31.75
N LYS A 513 -32.03 10.46 31.64
CA LYS A 513 -33.02 10.62 32.70
C LYS A 513 -32.65 11.79 33.58
N LEU A 514 -31.46 12.38 33.44
CA LEU A 514 -31.20 13.68 34.06
C LEU A 514 -32.10 14.76 33.48
N PHE A 515 -32.64 14.52 32.29
CA PHE A 515 -33.68 15.41 31.77
C PHE A 515 -34.92 15.33 32.63
N ASP A 516 -35.20 14.16 33.22
CA ASP A 516 -36.29 14.06 34.19
C ASP A 516 -36.10 15.04 35.32
N ASP A 517 -34.86 15.15 35.83
CA ASP A 517 -34.55 16.17 36.82
C ASP A 517 -34.65 17.56 36.19
N ASN A 518 -35.31 18.49 36.89
CA ASN A 518 -35.52 19.81 36.32
C ASN A 518 -34.26 20.66 36.35
N GLN A 519 -33.50 20.61 37.44
CA GLN A 519 -32.29 21.42 37.54
C GLN A 519 -31.18 20.92 36.62
N SER A 520 -31.13 19.61 36.38
CA SER A 520 -30.06 19.05 35.53
C SER A 520 -30.34 19.31 34.05
N ASN A 521 -31.60 19.18 33.63
CA ASN A 521 -31.93 19.42 32.23
C ASN A 521 -31.56 20.84 31.81
N MSE A 522 -31.83 21.81 32.67
CA MSE A 522 -31.45 23.19 32.39
C MSE A 522 -29.93 23.31 32.32
O MSE A 522 -29.39 23.96 31.43
CB MSE A 522 -31.98 24.14 33.46
CG MSE A 522 -33.38 24.67 33.17
SE MSE A 522 -33.45 25.74 31.54
CE MSE A 522 -31.95 26.92 31.87
N SER A 523 -29.26 22.67 33.27
CA SER A 523 -27.80 22.66 33.26
C SER A 523 -27.26 22.11 31.95
N ILE A 524 -27.84 20.99 31.49
CA ILE A 524 -27.43 20.42 30.21
C ILE A 524 -27.82 21.35 29.07
N LYS A 525 -29.02 21.94 29.14
CA LYS A 525 -29.47 22.82 28.06
C LYS A 525 -28.61 24.07 27.97
N GLU A 526 -28.20 24.64 29.12
CA GLU A 526 -27.34 25.81 29.10
C GLU A 526 -25.92 25.44 28.67
N GLN A 527 -25.42 24.29 29.12
CA GLN A 527 -24.08 23.86 28.71
C GLN A 527 -24.02 23.62 27.21
N TYR A 528 -25.13 23.17 26.62
CA TYR A 528 -25.19 23.05 25.16
C TYR A 528 -25.11 24.41 24.50
N ILE A 529 -25.86 25.39 25.02
CA ILE A 529 -25.82 26.72 24.44
C ILE A 529 -24.48 27.38 24.71
N LYS A 530 -23.89 27.11 25.87
CA LYS A 530 -22.57 27.65 26.17
C LYS A 530 -21.54 27.13 25.19
N MSE A 531 -21.66 25.88 24.77
CA MSE A 531 -20.77 25.33 23.74
C MSE A 531 -20.81 26.19 22.49
O MSE A 531 -19.79 26.71 22.05
CB MSE A 531 -21.16 23.90 23.40
CG MSE A 531 -20.14 23.15 22.56
SE MSE A 531 -20.47 21.22 22.53
CE MSE A 531 -22.03 21.23 21.34
N LEU A 532 -22.01 26.33 21.93
CA LEU A 532 -22.16 27.05 20.67
C LEU A 532 -21.56 28.45 20.74
N GLN A 533 -21.87 29.18 21.82
CA GLN A 533 -21.30 30.52 21.97
C GLN A 533 -19.79 30.46 22.13
N ASP A 534 -19.27 29.46 22.84
CA ASP A 534 -17.82 29.34 22.98
C ASP A 534 -17.15 29.17 21.62
N PHE A 535 -17.85 28.59 20.65
CA PHE A 535 -17.35 28.40 19.30
C PHE A 535 -17.87 29.47 18.34
N ASN A 536 -18.47 30.54 18.85
CA ASN A 536 -18.87 31.71 18.06
C ASN A 536 -20.07 31.37 17.17
N ILE A 537 -21.13 30.93 17.82
CA ILE A 537 -22.42 30.65 17.19
C ILE A 537 -23.46 31.61 17.78
N ASP A 538 -24.38 32.07 16.93
CA ASP A 538 -25.32 33.11 17.36
C ASP A 538 -26.35 32.55 18.35
N THR A 539 -26.86 31.35 18.09
CA THR A 539 -27.72 30.59 18.99
C THR A 539 -29.17 31.07 19.01
N GLU A 540 -29.57 32.00 18.15
CA GLU A 540 -30.97 32.41 18.10
C GLU A 540 -31.87 31.24 17.75
N ASP A 541 -31.54 30.52 16.68
CA ASP A 541 -32.15 29.22 16.45
C ASP A 541 -31.62 28.22 17.47
N LYS A 542 -32.35 27.13 17.64
CA LYS A 542 -31.95 26.07 18.57
C LYS A 542 -31.95 26.54 20.02
N ASP A 543 -32.53 27.71 20.30
CA ASP A 543 -32.75 28.08 21.70
C ASP A 543 -33.89 27.27 22.30
N SER A 544 -34.88 26.93 21.49
CA SER A 544 -36.08 26.22 21.95
C SER A 544 -35.72 24.83 22.44
N ASN A 545 -36.71 24.14 23.02
CA ASN A 545 -36.50 22.82 23.58
C ASN A 545 -36.51 21.73 22.51
N ILE A 546 -37.29 21.91 21.44
CA ILE A 546 -37.33 20.90 20.39
C ILE A 546 -35.98 20.78 19.70
N ASP A 547 -35.46 21.91 19.21
CA ASP A 547 -34.17 21.89 18.52
C ASP A 547 -33.06 21.37 19.42
N ILE A 548 -33.09 21.73 20.70
CA ILE A 548 -32.05 21.25 21.62
C ILE A 548 -32.18 19.75 21.82
N LEU A 549 -33.41 19.23 21.87
CA LEU A 549 -33.61 17.80 22.05
C LEU A 549 -33.21 16.99 20.83
N ARG A 550 -33.16 17.61 19.66
CA ARG A 550 -32.72 16.90 18.47
C ARG A 550 -31.19 16.79 18.42
N SER A 551 -30.50 17.85 18.85
CA SER A 551 -29.04 17.84 18.82
C SER A 551 -28.45 17.08 20.01
N LEU A 552 -29.21 16.94 21.09
CA LEU A 552 -28.72 16.17 22.22
C LEU A 552 -28.82 14.67 21.94
N THR A 553 -29.88 14.25 21.23
CA THR A 553 -29.98 12.85 20.84
C THR A 553 -28.89 12.47 19.85
N SER A 554 -28.26 13.44 19.20
CA SER A 554 -27.18 13.17 18.26
C SER A 554 -25.83 12.99 18.95
N LEU A 555 -25.69 13.46 20.18
CA LEU A 555 -24.43 13.39 20.92
C LEU A 555 -24.51 12.25 21.92
N LYS A 556 -24.17 11.04 21.48
CA LYS A 556 -24.11 9.88 22.35
C LYS A 556 -22.70 9.32 22.36
N PRO A 557 -22.11 9.12 23.53
CA PRO A 557 -20.71 8.70 23.61
C PRO A 557 -20.57 7.20 23.31
N ILE A 558 -19.31 6.74 23.31
CA ILE A 558 -19.03 5.33 23.06
C ILE A 558 -19.27 4.53 24.33
N SER A 559 -19.61 3.26 24.16
CA SER A 559 -19.60 2.35 25.29
C SER A 559 -18.19 2.24 25.85
N LYS A 560 -18.08 2.21 27.17
CA LYS A 560 -16.77 2.19 27.82
C LYS A 560 -16.42 0.78 28.31
N ALA B 20 -11.77 -27.58 6.62
CA ALA B 20 -11.75 -28.17 7.96
C ALA B 20 -10.81 -27.41 8.88
N ASN B 21 -9.54 -27.35 8.47
CA ASN B 21 -8.52 -26.64 9.24
C ASN B 21 -8.64 -25.14 9.06
N ALA B 22 -8.90 -24.70 7.83
CA ALA B 22 -9.12 -23.28 7.56
C ALA B 22 -10.30 -22.74 8.36
N LEU B 23 -11.37 -23.54 8.46
CA LEU B 23 -12.55 -23.11 9.22
C LEU B 23 -12.24 -23.02 10.71
N SER B 24 -11.35 -23.88 11.20
CA SER B 24 -10.93 -23.81 12.59
C SER B 24 -10.13 -22.56 12.87
N LEU B 25 -9.27 -22.16 11.91
CA LEU B 25 -8.53 -20.92 12.01
C LEU B 25 -9.44 -19.70 11.98
N SER B 26 -10.37 -19.68 11.03
CA SER B 26 -11.37 -18.61 10.99
C SER B 26 -12.18 -18.56 12.28
N ASN B 27 -12.39 -19.72 12.92
CA ASN B 27 -13.17 -19.80 14.14
C ASN B 27 -14.65 -19.54 13.87
N GLU B 28 -15.31 -18.77 14.75
CA GLU B 28 -16.76 -18.55 14.70
C GLU B 28 -17.06 -17.06 14.86
N LEU B 29 -16.85 -16.30 13.77
CA LEU B 29 -17.49 -15.01 13.54
C LEU B 29 -18.93 -15.14 13.05
N ASN B 30 -19.17 -16.04 12.07
CA ASN B 30 -20.52 -16.50 11.60
C ASN B 30 -20.48 -18.04 11.61
N GLN B 31 -20.66 -18.65 12.80
CA GLN B 31 -20.48 -20.11 12.93
C GLN B 31 -21.67 -20.89 12.40
N ASP B 32 -22.89 -20.40 12.65
CA ASP B 32 -24.08 -21.10 12.15
C ASP B 32 -23.99 -21.36 10.66
N GLN B 33 -23.52 -20.39 9.88
CA GLN B 33 -23.34 -20.62 8.45
C GLN B 33 -22.25 -21.65 8.20
N LYS B 34 -21.20 -21.64 9.01
CA LYS B 34 -20.13 -22.63 8.84
C LYS B 34 -20.68 -24.04 8.96
N ASP B 35 -21.58 -24.27 9.92
CA ASP B 35 -22.19 -25.59 10.07
C ASP B 35 -22.85 -26.03 8.77
N LEU B 36 -23.48 -25.11 8.05
CA LEU B 36 -24.04 -25.46 6.74
C LEU B 36 -22.94 -25.67 5.72
N ILE B 37 -21.85 -24.90 5.79
CA ILE B 37 -20.74 -25.11 4.88
C ILE B 37 -20.11 -26.48 5.11
N LEU B 38 -19.92 -26.85 6.39
CA LEU B 38 -19.42 -28.18 6.72
C LEU B 38 -20.31 -29.27 6.13
N SER B 39 -21.62 -29.02 6.03
CA SER B 39 -22.51 -29.97 5.40
C SER B 39 -22.21 -30.13 3.91
N ILE B 40 -21.66 -29.09 3.27
CA ILE B 40 -21.38 -29.18 1.84
C ILE B 40 -20.22 -30.12 1.57
N ILE B 41 -19.30 -30.26 2.53
CA ILE B 41 -18.18 -31.18 2.36
C ILE B 41 -18.67 -32.62 2.36
N ASP B 42 -19.56 -32.94 3.32
CA ASP B 42 -20.17 -34.25 3.39
C ASP B 42 -20.88 -34.62 2.09
N LYS B 43 -21.59 -33.65 1.50
CA LYS B 43 -22.30 -33.90 0.25
C LYS B 43 -21.33 -34.18 -0.90
N PHE B 44 -20.19 -33.51 -0.91
CA PHE B 44 -19.21 -33.73 -1.97
C PHE B 44 -18.20 -34.82 -1.61
N ALA B 50 -13.20 -31.94 -6.06
CA ALA B 50 -13.52 -30.63 -6.60
C ALA B 50 -14.22 -29.75 -5.53
N LEU B 51 -13.89 -30.04 -4.26
CA LEU B 51 -14.47 -29.38 -3.10
C LEU B 51 -13.80 -28.06 -2.75
N HIS B 52 -12.46 -28.01 -2.74
CA HIS B 52 -11.76 -26.80 -2.32
C HIS B 52 -12.18 -25.58 -3.13
N ASN B 53 -12.61 -25.80 -4.37
CA ASN B 53 -13.08 -24.69 -5.20
C ASN B 53 -14.36 -24.11 -4.65
N VAL B 54 -15.25 -24.97 -4.15
CA VAL B 54 -16.50 -24.49 -3.58
C VAL B 54 -16.26 -23.86 -2.22
N TYR B 55 -15.31 -24.41 -1.45
CA TYR B 55 -15.02 -23.84 -0.14
C TYR B 55 -14.51 -22.41 -0.25
N GLN B 56 -13.62 -22.16 -1.23
CA GLN B 56 -13.06 -20.82 -1.38
C GLN B 56 -14.14 -19.81 -1.73
N LEU B 57 -15.10 -20.21 -2.56
CA LEU B 57 -16.21 -19.33 -2.91
C LEU B 57 -17.08 -19.02 -1.69
N MSE B 58 -17.30 -20.01 -0.83
CA MSE B 58 -18.09 -19.80 0.37
C MSE B 58 -17.37 -18.90 1.37
O MSE B 58 -17.94 -17.95 1.89
CB MSE B 58 -18.42 -21.13 1.06
CG MSE B 58 -19.19 -22.14 0.22
SE MSE B 58 -20.02 -23.45 1.37
CE MSE B 58 -21.15 -22.26 2.42
N ILE B 59 -16.12 -19.24 1.66
CA ILE B 59 -15.37 -18.53 2.69
C ILE B 59 -15.38 -17.03 2.42
N LYS B 60 -15.39 -16.64 1.14
CA LYS B 60 -15.44 -15.22 0.81
C LYS B 60 -16.73 -14.58 1.30
N ARG B 61 -17.86 -15.26 1.12
CA ARG B 61 -19.14 -14.70 1.58
C ARG B 61 -19.13 -14.48 3.09
N VAL B 62 -18.71 -15.49 3.85
CA VAL B 62 -18.77 -15.42 5.31
C VAL B 62 -17.57 -14.70 5.91
N LYS B 63 -16.50 -14.51 5.14
CA LYS B 63 -15.24 -14.06 5.69
C LYS B 63 -15.40 -12.71 6.39
N LEU B 64 -14.64 -12.52 7.46
CA LEU B 64 -14.61 -11.29 8.22
C LEU B 64 -13.21 -10.70 8.06
N GLY B 65 -13.06 -9.83 7.09
CA GLY B 65 -11.79 -9.17 6.78
C GLY B 65 -11.84 -8.57 5.38
N PHE B 66 -10.67 -8.57 4.73
CA PHE B 66 -10.62 -8.19 3.33
C PHE B 66 -11.26 -9.27 2.46
N VAL B 67 -12.09 -8.86 1.50
CA VAL B 67 -12.92 -9.81 0.77
C VAL B 67 -13.08 -9.35 -0.68
N PHE B 68 -13.24 -10.31 -1.58
CA PHE B 68 -13.62 -10.09 -2.96
C PHE B 68 -14.13 -11.41 -3.52
N ASP B 69 -14.95 -11.31 -4.57
CA ASP B 69 -15.60 -12.51 -5.11
C ASP B 69 -14.60 -13.24 -6.01
N ILE B 70 -13.98 -14.28 -5.46
CA ILE B 70 -13.01 -15.05 -6.23
C ILE B 70 -13.73 -15.83 -7.32
N ALA B 71 -13.10 -15.93 -8.43
CA ALA B 71 -13.72 -16.75 -9.46
C ALA B 71 -13.09 -18.14 -9.46
N PRO B 72 -13.90 -19.19 -9.58
CA PRO B 72 -13.35 -20.55 -9.57
C PRO B 72 -12.45 -20.81 -10.78
N SER B 73 -11.22 -21.23 -10.50
CA SER B 73 -10.29 -21.63 -11.55
C SER B 73 -10.72 -22.99 -12.10
N VAL B 74 -11.53 -22.97 -13.15
CA VAL B 74 -12.00 -24.18 -13.82
C VAL B 74 -10.92 -24.63 -14.80
N ASN B 75 -10.29 -25.75 -14.49
CA ASN B 75 -9.31 -26.36 -15.39
C ASN B 75 -9.92 -26.71 -16.74
N ALA B 76 -9.41 -26.11 -17.81
CA ALA B 76 -9.87 -26.47 -19.14
C ALA B 76 -9.58 -27.95 -19.41
N SER B 77 -10.08 -28.42 -20.57
CA SER B 77 -9.73 -29.75 -21.03
C SER B 77 -8.23 -29.84 -21.28
N GLU B 78 -7.71 -28.98 -22.14
CA GLU B 78 -6.36 -29.15 -22.66
C GLU B 78 -5.32 -29.24 -21.55
N ILE B 79 -4.13 -29.70 -21.91
CA ILE B 79 -3.00 -29.83 -21.00
C ILE B 79 -1.84 -29.04 -21.57
N ALA B 80 -0.96 -28.58 -20.69
CA ALA B 80 0.16 -27.74 -21.08
C ALA B 80 1.48 -28.44 -20.78
N LEU B 81 2.33 -28.56 -21.80
CA LEU B 81 3.67 -29.10 -21.66
C LEU B 81 4.67 -28.17 -22.33
N PHE B 82 5.93 -28.25 -21.89
CA PHE B 82 7.02 -27.48 -22.48
C PHE B 82 7.57 -28.22 -23.70
N LYS B 83 7.68 -27.51 -24.82
CA LYS B 83 8.39 -27.99 -26.00
C LYS B 83 9.56 -27.05 -26.24
N LYS B 84 10.76 -27.62 -26.31
CA LYS B 84 11.97 -26.82 -26.44
C LYS B 84 12.18 -26.42 -27.90
N ASP B 85 12.41 -25.13 -28.13
CA ASP B 85 12.74 -24.62 -29.46
C ASP B 85 14.22 -24.83 -29.70
N GLU B 86 14.58 -25.93 -30.37
CA GLU B 86 15.99 -26.28 -30.48
C GLU B 86 16.75 -25.33 -31.38
N LYS B 87 16.08 -24.63 -32.29
CA LYS B 87 16.78 -23.64 -33.11
C LYS B 87 17.10 -22.37 -32.33
N LEU B 88 16.16 -21.94 -31.47
CA LEU B 88 16.36 -20.72 -30.69
C LEU B 88 17.25 -20.96 -29.48
N SER B 89 17.14 -22.12 -28.85
CA SER B 89 18.01 -22.44 -27.73
C SER B 89 19.47 -22.46 -28.19
N PHE B 90 20.31 -21.72 -27.48
CA PHE B 90 21.74 -21.67 -27.79
C PHE B 90 22.54 -21.97 -26.54
N ASN B 91 23.83 -22.23 -26.72
CA ASN B 91 24.72 -22.61 -25.63
C ASN B 91 26.15 -22.27 -26.03
N ASN B 92 26.67 -21.19 -25.48
CA ASN B 92 28.00 -20.72 -25.85
C ASN B 92 29.09 -21.31 -24.98
N ASP B 93 28.82 -21.45 -23.69
CA ASP B 93 29.78 -21.95 -22.73
C ASP B 93 29.06 -22.96 -21.83
N ASN B 94 29.53 -24.20 -21.88
CA ASN B 94 29.03 -25.24 -20.99
C ASN B 94 29.36 -24.94 -19.53
N ASN B 95 30.35 -24.08 -19.29
CA ASN B 95 30.75 -23.73 -17.94
C ASN B 95 29.89 -22.63 -17.35
N LYS B 96 29.31 -21.79 -18.20
CA LYS B 96 28.42 -20.74 -17.72
C LYS B 96 27.13 -21.35 -17.18
N PRO B 97 26.43 -20.66 -16.30
CA PRO B 97 25.17 -21.18 -15.77
C PRO B 97 24.13 -21.37 -16.87
N THR B 98 23.35 -22.44 -16.77
CA THR B 98 22.31 -22.71 -17.74
C THR B 98 21.03 -21.95 -17.38
N ASN B 99 20.47 -21.24 -18.35
CA ASN B 99 19.33 -20.35 -18.14
C ASN B 99 18.17 -20.72 -19.06
N THR B 100 16.97 -20.27 -18.69
CA THR B 100 15.71 -20.75 -19.26
C THR B 100 14.76 -19.60 -19.60
N LEU B 101 14.12 -19.71 -20.76
CA LEU B 101 13.13 -18.74 -21.24
C LEU B 101 11.91 -19.49 -21.76
N ILE B 102 10.79 -19.35 -21.07
CA ILE B 102 9.54 -20.00 -21.46
C ILE B 102 8.63 -18.94 -22.08
N ILE B 103 8.07 -19.26 -23.24
CA ILE B 103 7.26 -18.32 -24.01
C ILE B 103 5.83 -18.84 -24.04
N GLY B 104 4.91 -18.11 -23.42
CA GLY B 104 3.52 -18.49 -23.38
C GLY B 104 2.84 -17.93 -22.15
N GLU B 105 1.60 -18.38 -21.94
CA GLU B 105 0.82 -17.91 -20.80
C GLU B 105 1.47 -18.34 -19.49
N ASN B 106 1.73 -17.36 -18.62
CA ASN B 106 2.41 -17.65 -17.37
C ASN B 106 1.61 -18.58 -16.46
N TYR B 107 0.29 -18.64 -16.62
CA TYR B 107 -0.50 -19.56 -15.81
C TYR B 107 -0.14 -21.01 -16.14
N ASP B 108 0.02 -21.31 -17.43
CA ASP B 108 0.39 -22.65 -17.84
C ASP B 108 1.86 -22.93 -17.53
N ALA B 109 2.71 -21.93 -17.71
CA ALA B 109 4.13 -22.10 -17.39
C ALA B 109 4.31 -22.45 -15.92
N LEU B 110 3.59 -21.76 -15.03
CA LEU B 110 3.75 -22.00 -13.59
C LEU B 110 3.27 -23.40 -13.20
N LYS B 111 2.16 -23.86 -13.77
CA LYS B 111 1.75 -25.25 -13.56
C LYS B 111 2.84 -26.22 -13.99
N ASN B 112 3.44 -25.97 -15.16
CA ASN B 112 4.54 -26.82 -15.61
C ASN B 112 5.78 -26.62 -14.74
N LEU B 113 6.05 -25.40 -14.29
CA LEU B 113 7.22 -25.15 -13.46
C LEU B 113 7.14 -25.94 -12.16
N ILE B 114 5.95 -26.00 -11.56
CA ILE B 114 5.79 -26.74 -10.31
C ILE B 114 6.03 -28.23 -10.52
N VAL B 115 5.51 -28.78 -11.62
CA VAL B 115 5.71 -30.21 -11.88
C VAL B 115 7.19 -30.50 -12.10
N ILE B 116 7.89 -29.62 -12.81
CA ILE B 116 9.32 -29.84 -13.03
C ILE B 116 10.06 -29.87 -11.70
N GLU B 117 9.72 -28.94 -10.80
CA GLU B 117 10.44 -28.86 -9.53
C GLU B 117 10.17 -30.06 -8.64
N SER B 118 8.95 -30.60 -8.68
CA SER B 118 8.65 -31.74 -7.81
C SER B 118 9.46 -32.97 -8.20
N GLN B 119 9.47 -33.29 -9.50
CA GLN B 119 10.26 -34.41 -9.99
C GLN B 119 11.76 -34.12 -9.96
N SER B 120 12.16 -32.89 -9.68
CA SER B 120 13.55 -32.49 -9.68
C SER B 120 14.13 -32.55 -8.27
N GLU B 121 15.44 -32.47 -8.18
CA GLU B 121 16.12 -32.30 -6.91
C GLU B 121 16.50 -30.83 -6.72
N THR B 122 16.80 -30.46 -5.47
CA THR B 122 17.06 -29.07 -5.11
C THR B 122 15.90 -28.18 -5.57
N VAL B 123 14.79 -28.32 -4.86
CA VAL B 123 13.51 -27.85 -5.35
C VAL B 123 13.31 -26.37 -5.07
N ASN B 124 12.69 -25.67 -6.01
CA ASN B 124 12.20 -24.30 -5.81
C ASN B 124 13.27 -23.22 -5.98
N TYR B 125 12.83 -21.97 -6.14
CA TYR B 125 13.68 -20.86 -6.55
C TYR B 125 14.11 -19.99 -5.36
N ASP B 126 15.34 -19.48 -5.43
CA ASP B 126 15.86 -18.67 -4.33
C ASP B 126 15.29 -17.26 -4.35
N VAL B 127 15.07 -16.71 -5.54
CA VAL B 127 14.61 -15.34 -5.70
C VAL B 127 13.50 -15.33 -6.74
N ILE B 128 12.49 -14.50 -6.52
CA ILE B 128 11.44 -14.27 -7.49
C ILE B 128 11.25 -12.76 -7.64
N TYR B 129 11.27 -12.29 -8.87
CA TYR B 129 10.97 -10.89 -9.18
C TYR B 129 9.98 -10.83 -10.31
N ILE B 130 8.94 -10.02 -10.16
CA ILE B 130 7.93 -9.85 -11.19
C ILE B 130 7.55 -8.38 -11.28
N ASP B 131 7.23 -7.96 -12.51
CA ASP B 131 6.75 -6.61 -12.81
C ASP B 131 5.41 -6.76 -13.50
N PRO B 132 4.38 -7.18 -12.77
CA PRO B 132 3.07 -7.45 -13.40
C PRO B 132 2.44 -6.19 -13.93
N PRO B 133 1.51 -6.30 -14.88
CA PRO B 133 0.83 -5.10 -15.37
C PRO B 133 0.20 -4.36 -14.20
N TYR B 134 0.54 -3.07 -14.10
CA TYR B 134 0.04 -2.23 -13.01
C TYR B 134 -1.44 -1.94 -13.18
N ASN B 135 -1.79 -1.22 -14.24
CA ASN B 135 -3.14 -0.73 -14.45
C ASN B 135 -4.05 -1.86 -14.93
N THR B 136 -5.35 -1.66 -14.74
CA THR B 136 -6.31 -2.60 -15.31
C THR B 136 -6.39 -2.45 -16.81
N GLU B 137 -6.21 -1.23 -17.32
CA GLU B 137 -6.20 -0.99 -18.75
C GLU B 137 -4.91 -1.50 -19.40
N SER B 138 -3.80 -1.44 -18.68
CA SER B 138 -2.53 -1.90 -19.22
C SER B 138 -2.51 -3.42 -19.39
N SER B 139 -3.16 -4.14 -18.48
CA SER B 139 -3.21 -5.60 -18.61
C SER B 139 -3.96 -5.99 -19.87
N LEU B 140 -5.10 -5.34 -20.14
CA LEU B 140 -5.88 -5.68 -21.32
C LEU B 140 -5.14 -5.33 -22.60
N SER B 141 -4.41 -4.21 -22.61
CA SER B 141 -3.92 -3.66 -23.88
C SER B 141 -2.99 -4.64 -24.58
N ASP B 142 -2.07 -5.25 -23.84
CA ASP B 142 -1.00 -6.04 -24.43
C ASP B 142 -0.77 -7.33 -23.67
N GLY B 143 -1.78 -7.81 -22.94
CA GLY B 143 -1.60 -8.99 -22.13
C GLY B 143 -2.78 -9.93 -22.07
N ASN B 144 -2.97 -10.55 -20.92
CA ASN B 144 -4.02 -11.53 -20.71
C ASN B 144 -5.39 -10.88 -20.79
N ASN B 145 -6.40 -11.69 -21.04
CA ASN B 145 -7.77 -11.23 -21.16
C ASN B 145 -8.68 -12.44 -21.14
N LEU B 146 -9.97 -12.18 -20.96
CA LEU B 146 -10.97 -13.25 -20.89
C LEU B 146 -10.56 -14.33 -19.88
N SER B 154 -13.03 -6.87 -26.83
CA SER B 154 -11.72 -6.35 -26.45
C SER B 154 -11.81 -4.88 -26.02
N SER B 155 -13.03 -4.37 -25.90
CA SER B 155 -13.22 -2.95 -25.59
C SER B 155 -12.93 -2.65 -24.12
N LYS B 156 -13.12 -3.63 -23.23
CA LYS B 156 -12.89 -3.46 -21.81
C LYS B 156 -12.13 -4.67 -21.27
N PHE B 157 -11.51 -4.47 -20.11
CA PHE B 157 -10.73 -5.52 -19.45
C PHE B 157 -11.66 -6.45 -18.69
N ILE B 158 -11.63 -7.74 -19.05
CA ILE B 158 -12.43 -8.76 -18.40
C ILE B 158 -11.58 -10.01 -18.24
N TYR B 159 -11.51 -10.54 -17.02
CA TYR B 159 -10.76 -11.75 -16.73
C TYR B 159 -11.64 -12.70 -15.96
N ARG B 160 -11.94 -13.86 -16.55
CA ARG B 160 -12.75 -14.89 -15.90
C ARG B 160 -14.13 -14.35 -15.52
N GLY B 161 -14.74 -13.60 -16.43
CA GLY B 161 -16.06 -13.06 -16.20
C GLY B 161 -16.12 -11.90 -15.25
N LYS B 162 -14.96 -11.37 -14.83
CA LYS B 162 -14.89 -10.27 -13.88
C LYS B 162 -14.17 -9.10 -14.51
N PHE B 163 -14.60 -7.89 -14.16
CA PHE B 163 -14.10 -6.66 -14.76
C PHE B 163 -13.21 -5.91 -13.77
N SER B 164 -12.48 -4.93 -14.31
CA SER B 164 -11.69 -3.99 -13.53
C SER B 164 -10.84 -4.68 -12.47
N ARG B 165 -10.95 -4.23 -11.20
CA ARG B 165 -10.03 -4.67 -10.17
C ARG B 165 -10.22 -6.14 -9.84
N THR B 166 -11.47 -6.59 -9.68
CA THR B 166 -11.71 -7.99 -9.34
C THR B 166 -11.00 -8.91 -10.32
N GLY B 167 -11.06 -8.61 -11.61
CA GLY B 167 -10.28 -9.36 -12.57
C GLY B 167 -8.82 -9.33 -12.23
N TRP B 168 -8.24 -8.13 -12.17
CA TRP B 168 -6.82 -7.98 -11.88
C TRP B 168 -6.42 -8.71 -10.61
N LEU B 169 -7.26 -8.62 -9.57
CA LEU B 169 -6.99 -9.36 -8.34
C LEU B 169 -7.04 -10.85 -8.55
N ASN B 170 -8.14 -11.34 -9.16
CA ASN B 170 -8.23 -12.77 -9.43
C ASN B 170 -6.98 -13.27 -10.15
N MSE B 171 -6.58 -12.57 -11.20
CA MSE B 171 -5.38 -12.88 -11.95
C MSE B 171 -4.17 -13.19 -11.09
O MSE B 171 -3.61 -14.28 -11.16
CB MSE B 171 -5.04 -11.73 -12.86
CG MSE B 171 -4.96 -12.07 -14.31
SE MSE B 171 -4.62 -10.41 -15.28
CE MSE B 171 -2.88 -9.95 -14.55
N LEU B 172 -3.76 -12.20 -10.29
CA LEU B 172 -2.53 -12.36 -9.53
C LEU B 172 -2.71 -13.30 -8.35
N ASN B 173 -3.92 -13.43 -7.83
CA ASN B 173 -4.11 -14.36 -6.72
C ASN B 173 -3.68 -15.77 -7.10
N GLU B 174 -4.15 -16.26 -8.25
CA GLU B 174 -3.85 -17.63 -8.63
C GLU B 174 -2.41 -17.79 -9.08
N ARG B 175 -1.83 -16.76 -9.70
CA ARG B 175 -0.42 -16.81 -10.05
C ARG B 175 0.47 -16.71 -8.82
N LEU B 176 0.18 -15.76 -7.93
CA LEU B 176 0.98 -15.62 -6.71
C LEU B 176 0.84 -16.85 -5.81
N ARG B 177 -0.31 -17.54 -5.85
CA ARG B 177 -0.42 -18.80 -5.13
C ARG B 177 0.62 -19.80 -5.61
N MSE B 178 0.75 -19.94 -6.93
CA MSE B 178 1.72 -20.84 -7.52
C MSE B 178 3.12 -20.37 -7.23
O MSE B 178 3.97 -21.16 -6.84
CB MSE B 178 1.47 -20.95 -9.02
CG MSE B 178 -0.01 -20.98 -9.36
SE MSE B 178 -0.40 -21.57 -11.18
CE MSE B 178 0.24 -23.40 -10.97
N ALA B 179 3.36 -19.07 -7.42
CA ALA B 179 4.67 -18.49 -7.10
C ALA B 179 5.11 -18.88 -5.69
N LYS B 180 4.20 -18.81 -4.73
CA LYS B 180 4.53 -19.27 -3.40
C LYS B 180 4.98 -20.72 -3.42
N GLN B 181 4.21 -21.60 -4.07
CA GLN B 181 4.58 -23.00 -4.16
C GLN B 181 5.98 -23.19 -4.73
N LEU B 182 6.47 -22.24 -5.50
CA LEU B 182 7.75 -22.36 -6.17
C LEU B 182 8.89 -21.71 -5.40
N LEU B 183 8.58 -20.99 -4.33
CA LEU B 183 9.58 -20.23 -3.60
C LEU B 183 10.17 -21.08 -2.49
N LYS B 184 11.47 -20.94 -2.25
CA LYS B 184 12.12 -21.75 -1.23
C LYS B 184 11.78 -21.21 0.16
N GLU B 185 11.99 -22.07 1.16
CA GLU B 185 11.70 -21.67 2.53
C GLU B 185 12.51 -20.44 2.93
N ASP B 186 13.76 -20.36 2.48
CA ASP B 186 14.60 -19.19 2.75
C ASP B 186 14.69 -18.27 1.54
N GLY B 187 13.59 -18.10 0.82
CA GLY B 187 13.58 -17.35 -0.41
C GLY B 187 12.85 -16.01 -0.28
N VAL B 188 12.99 -15.22 -1.32
CA VAL B 188 12.37 -13.91 -1.40
C VAL B 188 11.48 -13.87 -2.62
N ILE B 189 10.47 -13.01 -2.56
CA ILE B 189 9.67 -12.67 -3.74
C ILE B 189 9.52 -11.16 -3.76
N PHE B 190 9.95 -10.53 -4.84
CA PHE B 190 9.81 -9.10 -5.05
C PHE B 190 8.71 -8.85 -6.07
N VAL B 191 7.92 -7.80 -5.85
CA VAL B 191 6.86 -7.41 -6.80
C VAL B 191 6.85 -5.90 -6.92
N SER B 192 6.74 -5.42 -8.16
CA SER B 192 6.73 -3.99 -8.46
C SER B 192 5.33 -3.54 -8.84
N ILE B 193 4.81 -2.54 -8.13
CA ILE B 193 3.46 -2.06 -8.37
C ILE B 193 3.43 -0.54 -8.41
N ASP B 194 2.36 -0.02 -9.00
CA ASP B 194 1.99 1.37 -9.09
C ASP B 194 1.14 1.75 -7.88
N ASP B 195 0.61 2.97 -7.88
CA ASP B 195 -0.37 3.31 -6.87
C ASP B 195 -1.76 2.79 -7.20
N SER B 196 -1.95 2.18 -8.36
CA SER B 196 -3.30 1.82 -8.78
C SER B 196 -3.77 0.50 -8.21
N GLU B 197 -2.84 -0.39 -7.82
CA GLU B 197 -3.23 -1.65 -7.21
C GLU B 197 -2.37 -2.00 -6.00
N GLN B 198 -1.48 -1.10 -5.56
CA GLN B 198 -0.48 -1.48 -4.58
C GLN B 198 -1.11 -1.93 -3.27
N ALA B 199 -1.95 -1.08 -2.67
CA ALA B 199 -2.56 -1.43 -1.39
C ALA B 199 -3.36 -2.72 -1.50
N TYR B 200 -4.10 -2.90 -2.61
CA TYR B 200 -4.90 -4.11 -2.79
C TYR B 200 -4.02 -5.34 -2.97
N LEU B 201 -2.84 -5.18 -3.59
CA LEU B 201 -1.96 -6.33 -3.75
C LEU B 201 -1.27 -6.69 -2.44
N LYS B 202 -0.86 -5.68 -1.67
CA LYS B 202 -0.25 -5.93 -0.36
C LYS B 202 -1.22 -6.66 0.57
N VAL B 203 -2.50 -6.28 0.52
CA VAL B 203 -3.49 -7.03 1.28
C VAL B 203 -3.65 -8.43 0.70
N LEU B 204 -3.68 -8.53 -0.64
CA LEU B 204 -3.83 -9.84 -1.28
C LEU B 204 -2.63 -10.74 -1.00
N MSE B 205 -1.44 -10.16 -0.96
CA MSE B 205 -0.23 -10.94 -0.73
C MSE B 205 -0.08 -11.29 0.74
O MSE B 205 0.55 -12.29 1.08
CB MSE B 205 1.00 -10.18 -1.20
CG MSE B 205 1.10 -10.01 -2.70
SE MSE B 205 2.83 -9.29 -3.19
CE MSE B 205 3.96 -10.67 -2.44
N ASP B 206 -0.64 -10.45 1.62
CA ASP B 206 -0.71 -10.81 3.03
C ASP B 206 -1.45 -12.12 3.22
N GLU B 207 -2.54 -12.32 2.48
CA GLU B 207 -3.27 -13.58 2.55
C GLU B 207 -2.42 -14.73 2.01
N ILE B 208 -1.75 -14.52 0.89
CA ILE B 208 -1.06 -15.62 0.21
C ILE B 208 0.21 -16.01 0.97
N PHE B 209 1.09 -15.04 1.21
CA PHE B 209 2.38 -15.29 1.85
C PHE B 209 2.37 -15.14 3.37
N GLY B 210 1.29 -14.61 3.96
CA GLY B 210 1.23 -14.36 5.38
C GLY B 210 1.69 -12.98 5.80
N GLU B 211 0.89 -12.30 6.60
CA GLU B 211 1.25 -10.95 7.01
C GLU B 211 2.49 -10.91 7.88
N GLU B 212 2.87 -12.04 8.48
CA GLU B 212 4.06 -12.06 9.33
C GLU B 212 5.33 -11.96 8.51
N ASN B 213 5.26 -12.38 7.24
CA ASN B 213 6.44 -12.46 6.39
C ASN B 213 6.67 -11.20 5.57
N PHE B 214 5.75 -10.24 5.64
CA PHE B 214 5.97 -8.97 4.96
C PHE B 214 7.25 -8.34 5.46
N ILE B 215 8.17 -8.07 4.53
CA ILE B 215 9.47 -7.52 4.88
C ILE B 215 9.38 -6.00 4.82
N ALA B 216 9.05 -5.48 3.65
CA ALA B 216 9.00 -4.04 3.46
C ALA B 216 8.13 -3.72 2.25
N CYS B 217 7.86 -2.43 2.09
CA CYS B 217 7.21 -1.87 0.91
C CYS B 217 8.12 -0.74 0.45
N VAL B 218 9.19 -1.10 -0.25
CA VAL B 218 10.26 -0.14 -0.53
C VAL B 218 9.82 0.81 -1.64
N PRO B 219 9.91 2.12 -1.44
CA PRO B 219 9.65 3.07 -2.52
C PRO B 219 10.80 3.15 -3.50
N ALA B 220 10.45 3.21 -4.79
CA ALA B 220 11.41 3.36 -5.87
C ALA B 220 11.16 4.72 -6.52
N ILE B 221 12.13 5.62 -6.40
CA ILE B 221 11.98 6.93 -7.03
C ILE B 221 12.52 6.81 -8.45
N LEU B 222 11.76 6.10 -9.29
CA LEU B 222 12.19 5.85 -10.65
C LEU B 222 11.96 7.03 -11.58
N ASN B 223 11.09 7.97 -11.20
CA ASN B 223 10.82 9.16 -11.99
C ASN B 223 11.12 10.42 -11.18
N PRO B 224 12.36 10.58 -10.71
CA PRO B 224 12.68 11.70 -9.82
C PRO B 224 12.12 13.03 -10.28
N SER B 225 12.00 13.26 -11.59
CA SER B 225 11.50 14.53 -12.08
C SER B 225 10.00 14.67 -11.83
N GLY B 226 9.27 13.56 -11.79
CA GLY B 226 7.84 13.62 -11.57
C GLY B 226 7.03 13.65 -12.85
N ARG B 227 6.05 12.77 -12.98
CA ARG B 227 5.26 12.63 -14.19
C ARG B 227 3.97 13.43 -14.08
N GLN B 228 3.56 14.05 -15.18
CA GLN B 228 2.31 14.79 -15.21
C GLN B 228 1.16 13.85 -14.91
N VAL B 229 0.41 14.14 -13.86
CA VAL B 229 -0.67 13.26 -13.40
C VAL B 229 -1.99 14.01 -13.45
N ASN B 230 -3.07 13.25 -13.63
CA ASN B 230 -4.40 13.82 -13.80
C ASN B 230 -4.74 14.80 -12.67
N THR B 231 -4.31 14.49 -11.45
CA THR B 231 -4.69 15.26 -10.27
C THR B 231 -3.71 16.40 -9.97
N GLU B 232 -3.04 16.93 -10.99
CA GLU B 232 -2.14 18.06 -10.80
C GLU B 232 -1.14 17.78 -9.67
N ILE B 233 -0.49 16.64 -9.76
CA ILE B 233 0.57 16.27 -8.83
C ILE B 233 1.65 15.52 -9.61
N ALA B 234 2.85 15.47 -9.03
CA ALA B 234 4.04 15.00 -9.73
C ALA B 234 4.45 13.65 -9.17
N LEU B 235 3.72 12.60 -9.58
CA LEU B 235 4.03 11.26 -9.11
C LEU B 235 5.45 10.88 -9.52
N THR B 236 6.30 10.62 -8.52
CA THR B 236 7.72 10.40 -8.75
C THR B 236 8.15 9.00 -8.35
N HIS B 237 7.27 8.18 -7.79
CA HIS B 237 7.69 6.99 -7.08
C HIS B 237 6.87 5.78 -7.49
N GLU B 238 7.29 4.65 -6.94
CA GLU B 238 6.80 3.33 -7.27
C GLU B 238 7.19 2.44 -6.10
N TYR B 239 6.60 1.27 -6.03
CA TYR B 239 6.84 0.42 -4.88
C TYR B 239 7.51 -0.89 -5.30
N ILE B 240 8.07 -1.56 -4.31
CA ILE B 240 8.62 -2.91 -4.42
C ILE B 240 8.23 -3.70 -3.20
N LEU B 241 7.13 -4.42 -3.27
CA LEU B 241 6.72 -5.29 -2.17
C LEU B 241 7.71 -6.44 -2.02
N ILE B 242 8.19 -6.64 -0.80
CA ILE B 242 9.13 -7.71 -0.45
C ILE B 242 8.45 -8.61 0.57
N TYR B 243 8.32 -9.89 0.23
CA TYR B 243 7.81 -10.91 1.13
C TYR B 243 8.83 -12.02 1.19
N GLY B 244 9.28 -12.33 2.40
CA GLY B 244 10.25 -13.39 2.58
C GLY B 244 9.61 -14.74 2.81
N GLY B 245 10.37 -15.78 2.51
CA GLY B 245 10.06 -17.10 3.03
C GLY B 245 10.27 -17.13 4.52
N VAL B 246 9.75 -18.19 5.15
CA VAL B 246 9.56 -18.14 6.60
C VAL B 246 10.86 -17.85 7.34
N ASN B 247 11.99 -18.33 6.83
CA ASN B 247 13.27 -18.13 7.52
C ASN B 247 14.28 -17.55 6.53
N PHE B 248 13.92 -16.44 5.89
CA PHE B 248 14.82 -15.67 5.03
C PHE B 248 15.31 -14.43 5.76
N VAL B 249 16.62 -14.21 5.73
CA VAL B 249 17.25 -13.04 6.33
C VAL B 249 17.96 -12.26 5.23
N PRO B 250 17.59 -11.01 4.96
CA PRO B 250 18.22 -10.27 3.87
C PRO B 250 19.71 -10.08 4.09
N GLU B 251 20.45 -10.06 3.00
CA GLU B 251 21.90 -9.93 3.04
C GLU B 251 22.29 -8.45 2.99
N GLU B 252 23.40 -8.13 3.64
CA GLU B 252 23.87 -6.77 3.70
C GLU B 252 24.58 -6.40 2.39
N LEU B 253 24.53 -5.11 2.06
CA LEU B 253 25.13 -4.59 0.85
C LEU B 253 26.61 -4.27 1.05
N ASP B 254 27.39 -4.47 -0.02
CA ASP B 254 28.81 -4.11 -0.01
C ASP B 254 28.97 -2.60 -0.08
N ASN B 255 29.95 -2.09 0.68
CA ASN B 255 30.18 -0.65 0.72
C ASN B 255 30.38 -0.07 -0.67
N GLU B 256 31.33 -0.63 -1.44
CA GLU B 256 31.65 -0.06 -2.75
C GLU B 256 30.41 0.01 -3.63
N TYR B 257 29.60 -1.06 -3.64
CA TYR B 257 28.39 -1.03 -4.46
C TYR B 257 27.44 0.07 -4.03
N VAL B 258 27.30 0.26 -2.72
CA VAL B 258 26.31 1.19 -2.20
C VAL B 258 26.74 2.63 -2.40
N ILE B 259 28.06 2.90 -2.38
CA ILE B 259 28.57 4.25 -2.58
C ILE B 259 28.43 4.68 -4.04
N ASN B 260 28.72 3.77 -4.98
CA ASN B 260 28.66 4.12 -6.39
C ASN B 260 27.22 4.14 -6.91
N LYS B 261 26.39 3.20 -6.47
CA LYS B 261 25.08 3.04 -7.08
C LYS B 261 23.99 3.85 -6.38
N LEU B 262 24.01 3.95 -5.06
CA LEU B 262 22.97 4.63 -4.29
C LEU B 262 23.56 5.74 -3.44
N PRO B 263 24.24 6.71 -4.07
CA PRO B 263 25.03 7.65 -3.27
C PRO B 263 24.19 8.54 -2.37
N GLU B 264 22.92 8.79 -2.72
CA GLU B 264 22.08 9.67 -1.92
C GLU B 264 21.54 9.02 -0.66
N ILE B 265 21.60 7.69 -0.55
CA ILE B 265 20.94 6.99 0.55
C ILE B 265 21.96 6.54 1.60
N TYR B 266 23.19 6.29 1.17
CA TYR B 266 24.24 5.76 2.03
C TYR B 266 25.44 6.68 1.92
N LYS B 267 25.88 7.24 3.04
CA LYS B 267 26.92 8.27 3.01
C LYS B 267 27.82 8.27 4.24
N ASN B 268 27.33 8.79 5.37
CA ASN B 268 28.15 9.02 6.56
C ASN B 268 29.09 7.86 6.91
N LYS B 370 32.80 -3.23 14.11
CA LYS B 370 33.35 -3.26 12.76
C LYS B 370 33.94 -4.65 12.47
N LYS B 371 33.08 -5.66 12.48
CA LYS B 371 33.50 -7.05 12.35
C LYS B 371 33.35 -7.52 10.90
N ARG B 372 34.33 -8.29 10.42
CA ARG B 372 34.29 -8.88 9.07
C ARG B 372 34.32 -7.76 8.03
N LYS B 373 33.59 -7.89 6.93
CA LYS B 373 33.66 -6.89 5.88
C LYS B 373 32.75 -5.70 6.17
N ASN B 374 33.00 -4.61 5.46
CA ASN B 374 32.24 -3.36 5.61
C ASN B 374 30.93 -3.47 4.83
N THR B 375 29.81 -3.63 5.55
CA THR B 375 28.52 -3.85 4.91
C THR B 375 27.47 -2.88 5.44
N TRP B 376 26.38 -2.73 4.67
CA TRP B 376 25.26 -1.85 4.99
C TRP B 376 23.98 -2.65 5.06
N ILE B 377 23.12 -2.34 6.03
CA ILE B 377 21.80 -2.95 6.06
C ILE B 377 20.91 -2.25 5.05
N PHE B 378 20.12 -3.03 4.31
CA PHE B 378 19.34 -2.48 3.21
C PHE B 378 18.36 -1.42 3.71
N LYS B 379 18.52 -0.19 3.19
CA LYS B 379 17.63 0.92 3.52
C LYS B 379 16.42 0.91 2.60
N THR B 380 15.23 1.06 3.19
CA THR B 380 13.99 0.88 2.46
C THR B 380 13.66 2.07 1.57
N ILE B 381 14.65 2.60 0.87
CA ILE B 381 14.40 3.62 -0.16
C ILE B 381 15.41 3.45 -1.29
N ILE B 382 14.90 3.42 -2.51
CA ILE B 382 15.72 3.22 -3.69
C ILE B 382 15.65 4.48 -4.54
N LYS B 383 16.78 5.15 -4.69
CA LYS B 383 16.84 6.38 -5.47
C LYS B 383 18.27 6.62 -5.87
N GLY B 384 18.49 6.99 -7.13
CA GLY B 384 19.82 7.25 -7.65
C GLY B 384 19.81 7.22 -9.15
N SER B 385 20.89 7.76 -9.71
CA SER B 385 20.95 7.93 -11.16
C SER B 385 20.72 6.61 -11.88
N SER B 386 21.26 5.51 -11.35
CA SER B 386 21.12 4.23 -12.04
C SER B 386 19.67 3.77 -12.07
N PHE B 387 18.90 4.11 -11.04
CA PHE B 387 17.56 3.58 -10.81
C PHE B 387 16.47 4.48 -11.40
N ASN B 388 16.75 5.11 -12.52
CA ASN B 388 15.76 5.87 -13.26
C ASN B 388 14.96 4.95 -14.17
N ASN B 389 13.72 5.36 -14.45
CA ASN B 389 12.95 4.68 -15.49
C ASN B 389 13.55 4.92 -16.87
N LYS B 390 14.20 6.06 -17.07
CA LYS B 390 14.80 6.33 -18.38
C LYS B 390 16.03 5.46 -18.62
N THR B 391 16.77 5.13 -17.56
CA THR B 391 17.98 4.32 -17.72
C THR B 391 17.65 2.94 -18.27
N GLY B 392 16.76 2.22 -17.60
CA GLY B 392 16.39 0.90 -18.09
C GLY B 392 15.86 0.93 -19.51
N ASN B 393 15.10 1.97 -19.84
CA ASN B 393 14.53 2.05 -21.18
C ASN B 393 15.60 2.35 -22.23
N LYS B 394 16.50 3.29 -21.91
CA LYS B 394 17.56 3.63 -22.86
C LYS B 394 18.46 2.43 -23.15
N VAL B 395 18.83 1.69 -22.10
CA VAL B 395 19.60 0.46 -22.28
C VAL B 395 18.91 -0.45 -23.29
N LEU B 396 17.65 -0.80 -23.02
CA LEU B 396 16.92 -1.68 -23.93
C LEU B 396 16.94 -1.12 -25.35
N SER B 397 16.63 0.17 -25.50
CA SER B 397 16.64 0.78 -26.82
C SER B 397 17.99 0.61 -27.49
N SER B 398 19.08 0.73 -26.72
CA SER B 398 20.42 0.63 -27.31
C SER B 398 20.72 -0.79 -27.77
N ILE B 399 20.28 -1.78 -27.00
CA ILE B 399 20.49 -3.17 -27.38
C ILE B 399 19.57 -3.55 -28.54
N LEU B 400 18.28 -3.20 -28.41
CA LEU B 400 17.29 -3.64 -29.37
C LEU B 400 17.25 -2.79 -30.63
N LYS B 401 17.94 -1.65 -30.66
CA LYS B 401 17.90 -0.70 -31.76
C LYS B 401 16.49 -0.23 -32.08
N SER B 402 15.53 -0.50 -31.20
CA SER B 402 14.13 -0.14 -31.40
C SER B 402 13.57 0.41 -30.11
N ASP B 403 12.83 1.52 -30.22
CA ASP B 403 12.11 2.07 -29.09
C ASP B 403 10.66 1.60 -29.05
N GLU B 404 10.35 0.49 -29.73
CA GLU B 404 8.98 -0.01 -29.76
C GLU B 404 8.49 -0.33 -28.35
N PHE B 405 9.24 -1.14 -27.60
CA PHE B 405 8.87 -1.44 -26.23
C PHE B 405 9.36 -0.33 -25.32
N SER B 406 8.42 0.35 -24.67
CA SER B 406 8.71 1.57 -23.95
C SER B 406 8.77 1.41 -22.45
N THR B 407 8.38 0.26 -21.90
CA THR B 407 8.29 0.07 -20.45
C THR B 407 9.27 -1.02 -20.03
N ALA B 408 10.46 -0.62 -19.60
CA ALA B 408 11.47 -1.53 -19.10
C ALA B 408 11.95 -1.06 -17.74
N LYS B 409 12.28 -2.00 -16.89
CA LYS B 409 12.77 -1.65 -15.57
C LYS B 409 14.27 -1.42 -15.62
N PRO B 410 14.79 -0.61 -14.72
CA PRO B 410 16.25 -0.43 -14.66
C PRO B 410 16.93 -1.74 -14.29
N VAL B 411 17.90 -2.14 -15.11
CA VAL B 411 18.64 -3.36 -14.81
C VAL B 411 19.24 -3.28 -13.41
N GLU B 412 19.63 -2.08 -12.98
CA GLU B 412 20.30 -1.94 -11.69
C GLU B 412 19.34 -2.19 -10.54
N LEU B 413 18.09 -1.72 -10.66
CA LEU B 413 17.07 -2.03 -9.66
C LEU B 413 17.06 -3.52 -9.33
N ILE B 414 16.97 -4.36 -10.35
CA ILE B 414 16.82 -5.80 -10.12
C ILE B 414 18.11 -6.40 -9.56
N LYS B 415 19.27 -5.95 -10.07
CA LYS B 415 20.52 -6.36 -9.45
C LYS B 415 20.51 -6.12 -7.95
N LEU B 416 20.05 -4.94 -7.52
CA LEU B 416 20.02 -4.62 -6.10
C LEU B 416 19.13 -5.60 -5.34
N LEU B 417 17.97 -5.93 -5.89
CA LEU B 417 17.08 -6.87 -5.21
C LEU B 417 17.73 -8.23 -5.05
N ILE B 418 18.19 -8.83 -6.14
CA ILE B 418 18.79 -10.16 -6.04
C ILE B 418 20.05 -10.14 -5.20
N LYS B 419 20.71 -8.99 -5.08
CA LYS B 419 21.83 -8.84 -4.16
C LYS B 419 21.41 -9.02 -2.70
N LEU B 420 20.12 -8.86 -2.39
CA LEU B 420 19.61 -9.02 -1.03
C LEU B 420 19.50 -10.48 -0.64
N HIS B 421 19.61 -11.39 -1.58
CA HIS B 421 19.61 -12.80 -1.25
C HIS B 421 21.05 -13.27 -1.07
N PRO B 422 21.37 -13.97 0.01
CA PRO B 422 22.78 -14.28 0.28
C PRO B 422 23.38 -15.28 -0.68
N ASN B 423 22.60 -16.25 -1.17
CA ASN B 423 23.16 -17.21 -2.13
C ASN B 423 23.45 -16.50 -3.44
N ASN B 424 24.73 -16.31 -3.75
CA ASN B 424 25.10 -15.71 -5.03
C ASN B 424 25.05 -16.70 -6.18
N ASN B 425 24.64 -17.94 -5.94
CA ASN B 425 24.28 -18.86 -7.00
C ASN B 425 22.77 -19.04 -7.09
N ALA B 426 22.02 -18.04 -6.63
CA ALA B 426 20.58 -18.15 -6.49
C ALA B 426 19.91 -18.47 -7.83
N ARG B 427 18.78 -19.17 -7.74
CA ARG B 427 17.91 -19.41 -8.90
C ARG B 427 16.83 -18.34 -8.93
N ILE B 428 16.86 -17.50 -9.96
CA ILE B 428 15.95 -16.38 -10.11
C ILE B 428 14.82 -16.76 -11.05
N LEU B 429 13.60 -16.38 -10.70
CA LEU B 429 12.42 -16.60 -11.52
C LEU B 429 11.73 -15.27 -11.76
N ASP B 430 11.11 -15.12 -12.93
CA ASP B 430 10.35 -13.91 -13.26
C ASP B 430 9.34 -14.28 -14.35
N PHE B 431 8.13 -14.67 -13.93
CA PHE B 431 7.08 -15.07 -14.85
C PHE B 431 6.27 -13.89 -15.38
N TYR B 432 6.81 -12.67 -15.29
CA TYR B 432 6.35 -11.51 -16.04
C TYR B 432 7.57 -10.84 -16.65
N ALA B 433 8.19 -11.55 -17.61
CA ALA B 433 9.58 -11.27 -17.95
C ALA B 433 9.73 -10.09 -18.89
N GLY B 434 8.72 -9.82 -19.70
CA GLY B 434 8.74 -8.64 -20.54
C GLY B 434 9.93 -8.64 -21.49
N SER B 435 10.79 -7.63 -21.35
CA SER B 435 11.95 -7.46 -22.21
C SER B 435 13.18 -8.21 -21.71
N GLY B 436 13.01 -9.11 -20.74
CA GLY B 436 14.14 -9.86 -20.25
C GLY B 436 15.08 -9.10 -19.35
N THR B 437 14.63 -8.00 -18.77
CA THR B 437 15.51 -7.22 -17.92
C THR B 437 16.06 -8.06 -16.77
N THR B 438 15.20 -8.90 -16.16
CA THR B 438 15.68 -9.78 -15.09
C THR B 438 16.87 -10.61 -15.56
N GLY B 439 16.79 -11.16 -16.78
CA GLY B 439 17.86 -12.01 -17.27
C GLY B 439 19.16 -11.24 -17.43
N HIS B 440 19.09 -10.08 -18.09
CA HIS B 440 20.27 -9.24 -18.26
C HIS B 440 20.85 -8.83 -16.91
N ALA B 441 19.96 -8.53 -15.94
CA ALA B 441 20.41 -8.10 -14.62
C ALA B 441 21.19 -9.19 -13.91
N VAL B 442 20.65 -10.41 -13.90
CA VAL B 442 21.36 -11.54 -13.29
C VAL B 442 22.75 -11.68 -13.89
N MSE B 443 22.84 -11.54 -15.21
CA MSE B 443 24.10 -11.70 -15.93
C MSE B 443 25.10 -10.62 -15.51
O MSE B 443 26.27 -10.92 -15.26
CB MSE B 443 23.86 -11.65 -17.43
CG MSE B 443 22.76 -12.56 -17.95
SE MSE B 443 23.36 -13.47 -19.56
CE MSE B 443 24.91 -14.32 -18.74
N GLU B 444 24.62 -9.38 -15.46
CA GLU B 444 25.45 -8.27 -15.00
C GLU B 444 25.95 -8.51 -13.58
N LEU B 445 25.05 -8.90 -12.68
CA LEU B 445 25.48 -9.14 -11.30
C LEU B 445 26.54 -10.23 -11.25
N ASN B 446 26.31 -11.32 -11.97
CA ASN B 446 27.30 -12.39 -12.04
C ASN B 446 28.68 -11.85 -12.42
N LYS B 447 28.73 -11.03 -13.48
CA LYS B 447 30.00 -10.41 -13.87
C LYS B 447 30.62 -9.65 -12.70
N GLU B 448 29.82 -8.81 -12.03
CA GLU B 448 30.35 -8.06 -10.89
C GLU B 448 30.45 -8.93 -9.65
N ASP B 449 29.41 -9.73 -9.38
CA ASP B 449 29.39 -10.52 -8.15
C ASP B 449 30.53 -11.54 -8.12
N GLY B 450 30.77 -12.21 -9.24
CA GLY B 450 31.66 -13.36 -9.27
C GLY B 450 30.98 -14.69 -9.00
N GLY B 451 29.66 -14.74 -9.04
CA GLY B 451 28.93 -15.97 -8.79
C GLY B 451 28.04 -16.33 -9.97
N ASN B 452 27.59 -17.58 -10.05
CA ASN B 452 26.84 -18.05 -11.20
C ASN B 452 25.38 -18.27 -10.81
N ARG B 453 24.53 -17.32 -11.14
CA ARG B 453 23.10 -17.50 -10.95
C ARG B 453 22.44 -17.83 -12.28
N CYS B 454 21.40 -18.67 -12.21
CA CYS B 454 20.59 -19.02 -13.36
C CYS B 454 19.23 -18.36 -13.21
N TYR B 455 18.64 -17.97 -14.35
CA TYR B 455 17.34 -17.31 -14.35
C TYR B 455 16.35 -18.08 -15.19
N THR B 456 15.09 -18.03 -14.79
CA THR B 456 13.98 -18.57 -15.56
C THR B 456 13.02 -17.43 -15.87
N LEU B 457 12.63 -17.31 -17.12
CA LEU B 457 11.78 -16.24 -17.59
C LEU B 457 10.51 -16.82 -18.22
N VAL B 458 9.42 -16.07 -18.10
CA VAL B 458 8.18 -16.43 -18.78
C VAL B 458 7.55 -15.14 -19.30
N THR B 459 7.08 -15.17 -20.54
CA THR B 459 6.42 -14.02 -21.12
C THR B 459 5.69 -14.43 -22.41
N ASN B 460 4.44 -14.02 -22.52
CA ASN B 460 3.68 -14.28 -23.73
C ASN B 460 4.16 -13.36 -24.84
N ASN B 461 4.11 -13.86 -26.07
CA ASN B 461 4.56 -13.11 -27.24
C ASN B 461 3.44 -12.25 -27.82
N GLU B 462 2.81 -11.42 -26.99
CA GLU B 462 1.78 -10.50 -27.47
C GLU B 462 2.45 -9.42 -28.30
N ASN B 463 2.13 -9.37 -29.60
CA ASN B 463 2.86 -8.51 -30.51
C ASN B 463 4.34 -8.81 -30.48
N ASN B 464 4.69 -10.08 -30.30
CA ASN B 464 6.05 -10.56 -30.44
C ASN B 464 6.97 -10.05 -29.33
N ILE B 465 6.45 -9.23 -28.39
CA ILE B 465 7.34 -8.69 -27.36
C ILE B 465 8.15 -9.81 -26.72
N ALA B 466 7.56 -11.00 -26.59
CA ALA B 466 8.28 -12.13 -26.01
C ALA B 466 9.31 -12.68 -26.99
N THR B 467 8.89 -12.97 -28.23
CA THR B 467 9.81 -13.52 -29.21
C THR B 467 10.81 -12.46 -29.68
N ASN B 468 10.32 -11.27 -30.02
CA ASN B 468 11.20 -10.25 -30.59
C ASN B 468 12.13 -9.68 -29.53
N VAL B 469 11.56 -9.14 -28.44
CA VAL B 469 12.30 -8.28 -27.50
C VAL B 469 13.09 -9.11 -26.52
N CYS B 470 12.48 -10.14 -25.95
CA CYS B 470 13.19 -10.97 -24.99
C CYS B 470 14.37 -11.67 -25.68
N TYR B 471 14.09 -12.39 -26.77
CA TYR B 471 15.13 -13.14 -27.47
C TYR B 471 16.20 -12.22 -28.01
N GLU B 472 15.78 -11.18 -28.74
CA GLU B 472 16.75 -10.26 -29.33
C GLU B 472 17.67 -9.69 -28.26
N ARG B 473 17.09 -9.13 -27.19
CA ARG B 473 17.90 -8.56 -26.12
C ARG B 473 18.85 -9.59 -25.54
N LEU B 474 18.32 -10.77 -25.17
CA LEU B 474 19.17 -11.78 -24.57
C LEU B 474 20.21 -12.31 -25.55
N TYR B 475 19.81 -12.57 -26.80
CA TYR B 475 20.79 -13.02 -27.80
C TYR B 475 21.90 -11.99 -27.97
N ARG B 476 21.54 -10.77 -28.38
CA ARG B 476 22.54 -9.74 -28.63
C ARG B 476 23.47 -9.56 -27.45
N ILE B 477 22.93 -9.63 -26.23
CA ILE B 477 23.75 -9.48 -25.04
C ILE B 477 24.75 -10.63 -24.91
N ASN B 478 24.36 -11.82 -25.36
CA ASN B 478 25.18 -13.02 -25.16
C ASN B 478 26.24 -13.18 -26.24
N ASN B 479 25.87 -12.97 -27.50
CA ASN B 479 26.75 -13.29 -28.62
C ASN B 479 27.24 -12.07 -29.38
N GLY B 480 26.54 -10.94 -29.29
CA GLY B 480 26.99 -9.73 -29.96
C GLY B 480 26.61 -9.63 -31.42
N ILE B 481 25.74 -10.49 -31.92
CA ILE B 481 25.27 -10.44 -33.29
C ILE B 481 23.76 -10.58 -33.28
N TYR B 482 23.09 -9.81 -34.13
CA TYR B 482 21.63 -9.89 -34.22
C TYR B 482 21.21 -11.26 -34.77
N THR B 483 19.94 -11.60 -34.56
CA THR B 483 19.41 -12.84 -35.10
C THR B 483 19.53 -12.87 -36.63
N ASN B 484 19.40 -11.70 -37.27
CA ASN B 484 19.68 -11.56 -38.70
C ASN B 484 21.17 -11.53 -39.01
N ASN B 485 22.02 -11.84 -38.04
CA ASN B 485 23.47 -11.88 -38.25
C ASN B 485 24.00 -10.51 -38.67
N GLU B 486 23.48 -9.46 -38.05
CA GLU B 486 23.95 -8.11 -38.27
C GLU B 486 24.35 -7.51 -36.92
N SER B 487 25.53 -6.90 -36.88
CA SER B 487 26.11 -6.36 -35.65
C SER B 487 26.28 -4.85 -35.81
N ASN B 488 25.18 -4.10 -35.65
CA ASN B 488 25.22 -2.65 -35.73
C ASN B 488 24.62 -1.96 -34.51
N PHE B 489 24.10 -2.71 -33.55
CA PHE B 489 23.46 -2.10 -32.38
C PHE B 489 24.50 -1.48 -31.45
N ASP B 490 24.12 -0.35 -30.85
CA ASP B 490 25.11 0.42 -30.10
C ASP B 490 25.71 -0.37 -28.94
N TRP B 491 24.92 -1.24 -28.31
CA TRP B 491 25.36 -1.86 -27.07
C TRP B 491 26.68 -2.61 -27.25
N ILE B 492 26.76 -3.42 -28.30
CA ILE B 492 27.93 -4.28 -28.47
C ILE B 492 29.16 -3.47 -28.83
N LYS B 493 28.96 -2.28 -29.39
CA LYS B 493 30.07 -1.36 -29.58
C LYS B 493 30.61 -0.87 -28.24
N LYS B 494 29.76 -0.86 -27.21
CA LYS B 494 30.13 -0.25 -25.94
C LYS B 494 30.68 -1.27 -24.94
N ASN B 495 30.07 -2.45 -24.84
CA ASN B 495 30.47 -3.46 -23.87
C ASN B 495 30.55 -4.83 -24.55
N LYS B 496 31.22 -5.77 -23.86
CA LYS B 496 31.54 -7.08 -24.42
C LYS B 496 30.41 -8.07 -24.17
N PRO B 497 30.34 -9.12 -24.97
CA PRO B 497 29.24 -10.09 -24.83
C PRO B 497 29.42 -11.00 -23.62
N TYR B 498 28.29 -11.38 -23.02
CA TYR B 498 28.32 -12.18 -21.80
C TYR B 498 28.72 -13.61 -22.08
N LYS B 499 28.32 -14.17 -23.22
CA LYS B 499 28.69 -15.52 -23.64
C LYS B 499 28.06 -16.59 -22.75
N SER B 500 26.77 -16.42 -22.49
CA SER B 500 26.02 -17.39 -21.72
C SER B 500 25.04 -18.12 -22.64
N ASN B 501 24.30 -19.06 -22.05
CA ASN B 501 23.43 -19.95 -22.80
C ASN B 501 21.99 -19.77 -22.34
N LEU B 502 21.05 -19.88 -23.27
CA LEU B 502 19.63 -19.71 -22.97
C LEU B 502 18.84 -20.79 -23.68
N ASN B 503 17.99 -21.49 -22.92
CA ASN B 503 17.08 -22.48 -23.47
C ASN B 503 15.71 -21.84 -23.68
N VAL B 504 15.13 -22.05 -24.87
CA VAL B 504 13.83 -21.49 -25.21
C VAL B 504 12.82 -22.63 -25.24
N TYR B 505 11.64 -22.38 -24.66
CA TYR B 505 10.58 -23.37 -24.64
C TYR B 505 9.28 -22.74 -25.09
N ASP B 506 8.41 -23.56 -25.65
CA ASP B 506 7.07 -23.18 -26.04
C ASP B 506 6.06 -23.94 -25.18
N ILE B 507 4.80 -23.55 -25.30
CA ILE B 507 3.70 -24.20 -24.59
C ILE B 507 2.82 -24.86 -25.64
N GLU B 508 2.87 -26.20 -25.71
CA GLU B 508 2.00 -26.97 -26.59
C GLU B 508 0.83 -27.52 -25.79
N TYR B 509 -0.38 -27.37 -26.33
CA TYR B 509 -1.61 -27.76 -25.64
C TYR B 509 -2.19 -29.01 -26.28
N PHE B 510 -2.38 -30.05 -25.48
CA PHE B 510 -2.96 -31.32 -25.88
C PHE B 510 -4.36 -31.46 -25.31
N SER B 511 -5.20 -32.24 -26.00
CA SER B 511 -6.61 -32.33 -25.65
C SER B 511 -6.82 -33.24 -24.45
N THR B 512 -7.70 -32.80 -23.54
CA THR B 512 -8.03 -33.62 -22.40
C THR B 512 -8.67 -34.94 -22.83
N LYS B 513 -9.47 -34.90 -23.89
CA LYS B 513 -10.13 -36.13 -24.34
C LYS B 513 -9.11 -37.18 -24.76
N LEU B 514 -8.16 -36.79 -25.63
CA LEU B 514 -7.08 -37.71 -25.99
C LEU B 514 -6.28 -38.13 -24.76
N PHE B 515 -6.14 -37.24 -23.78
CA PHE B 515 -5.51 -37.60 -22.51
C PHE B 515 -6.32 -38.73 -21.87
N ASP B 516 -7.53 -38.40 -21.43
CA ASP B 516 -8.46 -39.37 -20.84
C ASP B 516 -8.66 -40.60 -21.73
N ASN B 521 -2.21 -39.82 -25.73
CA ASN B 521 -1.71 -40.81 -24.78
C ASN B 521 -0.19 -40.92 -24.85
N MSE B 522 0.31 -41.68 -25.81
CA MSE B 522 1.75 -41.97 -25.91
C MSE B 522 2.60 -40.75 -26.27
O MSE B 522 3.75 -40.63 -25.86
CB MSE B 522 2.00 -43.08 -26.94
CG MSE B 522 1.52 -44.44 -26.46
SE MSE B 522 2.22 -44.82 -24.67
CE MSE B 522 1.09 -46.35 -24.18
N SER B 523 2.01 -39.83 -27.04
CA SER B 523 2.71 -38.59 -27.39
C SER B 523 2.86 -37.69 -26.17
N ILE B 524 1.81 -37.61 -25.35
CA ILE B 524 1.90 -36.80 -24.13
C ILE B 524 2.99 -37.35 -23.23
N LYS B 525 2.86 -38.62 -22.81
CA LYS B 525 3.88 -39.22 -21.96
C LYS B 525 5.28 -39.02 -22.53
N GLU B 526 5.44 -39.18 -23.85
CA GLU B 526 6.76 -39.07 -24.46
C GLU B 526 7.35 -37.67 -24.25
N GLN B 527 6.53 -36.63 -24.43
CA GLN B 527 7.04 -35.26 -24.35
C GLN B 527 7.29 -34.86 -22.92
N TYR B 528 6.38 -35.24 -22.02
CA TYR B 528 6.60 -34.98 -20.60
C TYR B 528 7.98 -35.47 -20.17
N ILE B 529 8.35 -36.68 -20.55
CA ILE B 529 9.66 -37.18 -20.15
C ILE B 529 10.78 -36.34 -20.78
N LYS B 530 10.58 -35.90 -22.03
CA LYS B 530 11.59 -35.04 -22.65
C LYS B 530 11.75 -33.73 -21.88
N MSE B 531 10.64 -33.18 -21.40
CA MSE B 531 10.68 -31.95 -20.61
C MSE B 531 11.52 -32.15 -19.36
O MSE B 531 12.43 -31.38 -19.08
CB MSE B 531 9.27 -31.51 -20.22
CG MSE B 531 9.25 -30.15 -19.53
SE MSE B 531 7.53 -29.70 -18.74
CE MSE B 531 6.35 -30.70 -19.92
N LEU B 532 11.20 -33.20 -18.60
CA LEU B 532 12.00 -33.52 -17.43
C LEU B 532 13.46 -33.75 -17.82
N GLN B 533 13.70 -34.53 -18.88
CA GLN B 533 15.07 -34.70 -19.36
C GLN B 533 15.67 -33.36 -19.80
N ASP B 534 14.83 -32.46 -20.33
CA ASP B 534 15.34 -31.14 -20.74
C ASP B 534 15.94 -30.39 -19.57
N PHE B 535 15.42 -30.60 -18.36
CA PHE B 535 15.88 -29.90 -17.17
C PHE B 535 16.82 -30.74 -16.31
N ASN B 536 17.63 -31.58 -16.95
CA ASN B 536 18.71 -32.30 -16.27
C ASN B 536 18.19 -33.20 -15.15
N ILE B 537 17.01 -33.78 -15.35
CA ILE B 537 16.42 -34.69 -14.38
C ILE B 537 16.68 -36.12 -14.83
N ASP B 538 17.20 -36.94 -13.91
CA ASP B 538 17.37 -38.36 -14.18
C ASP B 538 16.00 -39.00 -14.30
N THR B 539 15.65 -39.42 -15.52
CA THR B 539 14.32 -39.94 -15.80
C THR B 539 14.29 -41.46 -15.89
N GLU B 540 15.25 -42.15 -15.30
CA GLU B 540 15.19 -43.61 -15.29
C GLU B 540 14.10 -44.11 -14.35
N ASP B 541 13.75 -43.31 -13.34
CA ASP B 541 12.79 -43.72 -12.31
C ASP B 541 11.57 -42.81 -12.26
N LYS B 542 11.26 -42.14 -13.35
CA LYS B 542 10.09 -41.27 -13.45
C LYS B 542 9.23 -41.71 -14.61
N ASP B 543 7.92 -41.73 -14.39
CA ASP B 543 6.97 -42.11 -15.42
C ASP B 543 5.81 -41.12 -15.41
N SER B 544 5.06 -41.12 -16.51
CA SER B 544 3.86 -40.33 -16.59
C SER B 544 2.81 -40.85 -15.61
N ASN B 545 1.99 -39.95 -15.09
CA ASN B 545 0.96 -40.32 -14.14
C ASN B 545 -0.31 -39.55 -14.46
N ILE B 546 -1.45 -40.09 -14.01
CA ILE B 546 -2.69 -39.33 -14.08
C ILE B 546 -2.64 -38.17 -13.10
N ASP B 547 -1.98 -38.36 -11.95
CA ASP B 547 -1.86 -37.27 -10.98
C ASP B 547 -1.12 -36.08 -11.58
N ILE B 548 -0.08 -36.34 -12.37
CA ILE B 548 0.75 -35.26 -12.87
C ILE B 548 0.10 -34.58 -14.07
N LEU B 549 -0.59 -35.33 -14.92
CA LEU B 549 -1.32 -34.70 -16.01
C LEU B 549 -2.52 -33.92 -15.50
N ARG B 550 -3.06 -34.30 -14.35
CA ARG B 550 -4.11 -33.51 -13.71
C ARG B 550 -3.56 -32.18 -13.19
N SER B 551 -2.27 -32.15 -12.85
CA SER B 551 -1.66 -30.92 -12.36
C SER B 551 -1.51 -29.88 -13.47
N LEU B 552 -1.42 -30.32 -14.73
CA LEU B 552 -1.13 -29.44 -15.85
C LEU B 552 -2.36 -29.11 -16.69
N THR B 553 -3.52 -29.03 -16.06
CA THR B 553 -4.71 -28.57 -16.76
C THR B 553 -4.55 -27.10 -17.12
N SER B 554 -4.70 -26.80 -18.41
CA SER B 554 -4.41 -25.46 -18.91
C SER B 554 -5.54 -24.49 -18.55
N LEU B 555 -5.39 -23.25 -19.02
CA LEU B 555 -6.37 -22.21 -18.81
C LEU B 555 -7.17 -21.97 -20.09
N LYS B 556 -8.48 -21.82 -19.94
CA LYS B 556 -9.36 -21.66 -21.08
C LYS B 556 -9.13 -20.30 -21.75
N SFG C . 0.77 13.66 15.70
CA SFG C . 1.12 13.61 17.11
C SFG C . 2.44 14.35 17.38
O SFG C . 3.13 14.78 16.41
OXT SFG C . 2.84 14.55 18.55
CB SFG C . 1.25 12.16 17.56
CG SFG C . -0.07 11.44 17.26
CD SFG C . -0.18 10.22 18.16
NE SFG C . 0.55 9.10 17.60
C5' SFG C . -1.65 9.80 18.21
C4' SFG C . -2.28 10.51 19.43
O4' SFG C . -3.55 10.16 19.48
C3' SFG C . -1.62 10.01 20.73
O3' SFG C . -1.32 11.05 21.55
C2' SFG C . -2.70 9.12 21.38
O2' SFG C . -2.72 9.24 22.85
C1' SFG C . -3.91 9.84 20.78
N9 SFG C . -5.04 8.95 20.79
C8 SFG C . -5.08 7.63 20.61
N7 SFG C . -6.36 7.25 20.68
C5 SFG C . -7.10 8.33 20.91
C6 SFG C . -8.46 8.51 21.08
N6 SFG C . -9.61 7.62 21.06
N1 SFG C . -8.96 9.71 21.30
C2 SFG C . -8.13 10.79 21.37
N3 SFG C . -6.80 10.61 21.21
C4 SFG C . -6.29 9.39 20.98
N SFG D . 10.01 -5.91 -15.90
CA SFG D . 9.67 -6.13 -17.29
C SFG D . 10.70 -5.44 -18.20
O SFG D . 11.76 -4.98 -17.70
OXT SFG D . 10.47 -5.33 -19.44
CB SFG D . 8.28 -5.60 -17.60
CG SFG D . 7.26 -6.69 -17.26
CD SFG D . 5.99 -6.44 -18.06
NE SFG D . 5.36 -5.23 -17.58
C5' SFG D . 5.05 -7.62 -17.90
C4' SFG D . 5.42 -8.69 -18.96
O4' SFG D . 4.69 -9.78 -18.77
C3' SFG D . 5.07 -8.15 -20.36
O3' SFG D . 5.92 -8.61 -21.30
C2' SFG D . 3.68 -8.73 -20.59
O2' SFG D . 3.43 -8.89 -22.05
C1' SFG D . 3.90 -10.06 -19.89
N9 SFG D . 2.62 -10.59 -19.49
C8 SFG D . 1.55 -9.93 -19.04
N7 SFG D . 0.60 -10.83 -18.76
C5 SFG D . 1.08 -12.05 -19.05
C6 SFG D . 0.53 -13.31 -18.96
N6 SFG D . -0.77 -13.81 -18.53
N1 SFG D . 1.22 -14.37 -19.31
C2 SFG D . 2.48 -14.22 -19.75
N3 SFG D . 3.04 -12.99 -19.85
C4 SFG D . 2.32 -11.90 -19.50
C1 EDO E . 1.94 -5.19 -19.49
O1 EDO E . 3.04 -4.28 -19.43
C2 EDO E . 1.98 -6.02 -20.79
O2 EDO E . 0.93 -6.97 -20.77
H11 EDO E . 1.98 -5.85 -18.63
H21 EDO E . 1.88 -5.35 -21.65
#